data_1COC
# 
_entry.id   1COC 
# 
_audit_conform.dict_name       mmcif_pdbx.dic 
_audit_conform.dict_version    5.383 
_audit_conform.dict_location   http://mmcif.pdb.org/dictionaries/ascii/mmcif_pdbx.dic 
# 
loop_
_database_2.database_id 
_database_2.database_code 
_database_2.pdbx_database_accession 
_database_2.pdbx_DOI 
PDB   1COC         pdb_00001coc 10.2210/pdb1coc/pdb 
RCSB  RCSB001113   ?            ?                   
WWPDB D_1000001113 ?            ?                   
# 
loop_
_pdbx_audit_revision_history.ordinal 
_pdbx_audit_revision_history.data_content_type 
_pdbx_audit_revision_history.major_revision 
_pdbx_audit_revision_history.minor_revision 
_pdbx_audit_revision_history.revision_date 
1 'Structure model' 1 0 1999-06-09 
2 'Structure model' 1 1 2008-04-26 
3 'Structure model' 1 2 2011-07-13 
4 'Structure model' 1 3 2022-02-16 
5 'Structure model' 1 4 2023-12-27 
# 
_pdbx_audit_revision_details.ordinal             1 
_pdbx_audit_revision_details.revision_ordinal    1 
_pdbx_audit_revision_details.data_content_type   'Structure model' 
_pdbx_audit_revision_details.provider            repository 
_pdbx_audit_revision_details.type                'Initial release' 
_pdbx_audit_revision_details.description         ? 
_pdbx_audit_revision_details.details             ? 
# 
loop_
_pdbx_audit_revision_group.ordinal 
_pdbx_audit_revision_group.revision_ordinal 
_pdbx_audit_revision_group.data_content_type 
_pdbx_audit_revision_group.group 
1 2 'Structure model' 'Version format compliance' 
2 3 'Structure model' 'Version format compliance' 
3 4 'Structure model' 'Data collection'           
4 4 'Structure model' 'Database references'       
5 4 'Structure model' 'Derived calculations'      
6 5 'Structure model' 'Data collection'           
# 
loop_
_pdbx_audit_revision_category.ordinal 
_pdbx_audit_revision_category.revision_ordinal 
_pdbx_audit_revision_category.data_content_type 
_pdbx_audit_revision_category.category 
1 4 'Structure model' database_2            
2 4 'Structure model' pdbx_nmr_software     
3 4 'Structure model' pdbx_struct_assembly  
4 4 'Structure model' pdbx_struct_oper_list 
5 5 'Structure model' chem_comp_atom        
6 5 'Structure model' chem_comp_bond        
# 
loop_
_pdbx_audit_revision_item.ordinal 
_pdbx_audit_revision_item.revision_ordinal 
_pdbx_audit_revision_item.data_content_type 
_pdbx_audit_revision_item.item 
1 4 'Structure model' '_database_2.pdbx_DOI'                
2 4 'Structure model' '_database_2.pdbx_database_accession' 
3 4 'Structure model' '_pdbx_nmr_software.name'             
# 
_pdbx_database_status.status_code                     REL 
_pdbx_database_status.entry_id                        1COC 
_pdbx_database_status.recvd_initial_deposition_date   1999-05-26 
_pdbx_database_status.deposit_site                    BNL 
_pdbx_database_status.process_site                    RCSB 
_pdbx_database_status.status_code_mr                  REL 
_pdbx_database_status.SG_entry                        . 
_pdbx_database_status.pdb_format_compatible           Y 
_pdbx_database_status.status_code_sf                  ? 
_pdbx_database_status.status_code_cs                  ? 
_pdbx_database_status.status_code_nmr_data            ? 
_pdbx_database_status.methods_development_category    ? 
# 
loop_
_audit_author.name 
_audit_author.pdbx_ordinal 
'McAteer, K.'   1 
'Jing, Y.'      2 
'Kao, J.'       3 
'Taylor, J.-S.' 4 
'Kennedy, M.A.' 5 
# 
_citation.id                        primary 
_citation.title                     
;Solution-state structure of a DNA dodecamer duplex containing a Cis-syn thymine cyclobutane dimer, the major UV photoproduct of DNA.
;
_citation.journal_abbrev            J.Mol.Biol. 
_citation.journal_volume            282 
_citation.page_first                1013 
_citation.page_last                 1032 
_citation.year                      1998 
_citation.journal_id_ASTM           JMOBAK 
_citation.country                   UK 
_citation.journal_id_ISSN           0022-2836 
_citation.journal_id_CSD            0070 
_citation.book_publisher            ? 
_citation.pdbx_database_id_PubMed   9753551 
_citation.pdbx_database_id_DOI      10.1006/jmbi.1998.2062 
# 
loop_
_citation_author.citation_id 
_citation_author.name 
_citation_author.ordinal 
_citation_author.identifier_ORCID 
primary 'McAteer, K.'   1 ? 
primary 'Jing, Y.'      2 ? 
primary 'Kao, J.'       3 ? 
primary 'Taylor, J.S.'  4 ? 
primary 'Kennedy, M.A.' 5 ? 
# 
loop_
_entity.id 
_entity.type 
_entity.src_method 
_entity.pdbx_description 
_entity.formula_weight 
_entity.pdbx_number_of_molecules 
_entity.pdbx_ec 
_entity.pdbx_mutation 
_entity.pdbx_fragment 
_entity.details 
1 polymer syn 
;DNA (5'-D(*GP*CP*AP*CP*GP*AP*AP*TP*TP*AP*AP*G)-3')
;
3695.443 1 ? ? ? ? 
2 polymer syn 
;DNA (5'-D(*CP*TP*TP*AP*AP*TP*TP*CP*GP*TP*GP*C)-3')
;
3628.377 1 ? ? ? ? 
# 
loop_
_entity_poly.entity_id 
_entity_poly.type 
_entity_poly.nstd_linkage 
_entity_poly.nstd_monomer 
_entity_poly.pdbx_seq_one_letter_code 
_entity_poly.pdbx_seq_one_letter_code_can 
_entity_poly.pdbx_strand_id 
_entity_poly.pdbx_target_identifier 
1 polydeoxyribonucleotide no no '(DG)(DC)(DA)(DC)(DG)(DA)(DA)(DT)(DT)(DA)(DA)(DG)' GCACGAATTAAG A ? 
2 polydeoxyribonucleotide no no '(DC)(DT)(DT)(DA)(DA)(DT)(DT)(DC)(DG)(DT)(DG)(DC)' CTTAATTCGTGC B ? 
# 
loop_
_entity_poly_seq.entity_id 
_entity_poly_seq.num 
_entity_poly_seq.mon_id 
_entity_poly_seq.hetero 
1 1  DG n 
1 2  DC n 
1 3  DA n 
1 4  DC n 
1 5  DG n 
1 6  DA n 
1 7  DA n 
1 8  DT n 
1 9  DT n 
1 10 DA n 
1 11 DA n 
1 12 DG n 
2 1  DC n 
2 2  DT n 
2 3  DT n 
2 4  DA n 
2 5  DA n 
2 6  DT n 
2 7  DT n 
2 8  DC n 
2 9  DG n 
2 10 DT n 
2 11 DG n 
2 12 DC n 
# 
loop_
_chem_comp.id 
_chem_comp.type 
_chem_comp.mon_nstd_flag 
_chem_comp.name 
_chem_comp.pdbx_synonyms 
_chem_comp.formula 
_chem_comp.formula_weight 
DA 'DNA linking' y "2'-DEOXYADENOSINE-5'-MONOPHOSPHATE" ? 'C10 H14 N5 O6 P' 331.222 
DC 'DNA linking' y "2'-DEOXYCYTIDINE-5'-MONOPHOSPHATE"  ? 'C9 H14 N3 O7 P'  307.197 
DG 'DNA linking' y "2'-DEOXYGUANOSINE-5'-MONOPHOSPHATE" ? 'C10 H14 N5 O7 P' 347.221 
DT 'DNA linking' y "THYMIDINE-5'-MONOPHOSPHATE"         ? 'C10 H15 N2 O8 P' 322.208 
# 
loop_
_pdbx_poly_seq_scheme.asym_id 
_pdbx_poly_seq_scheme.entity_id 
_pdbx_poly_seq_scheme.seq_id 
_pdbx_poly_seq_scheme.mon_id 
_pdbx_poly_seq_scheme.ndb_seq_num 
_pdbx_poly_seq_scheme.pdb_seq_num 
_pdbx_poly_seq_scheme.auth_seq_num 
_pdbx_poly_seq_scheme.pdb_mon_id 
_pdbx_poly_seq_scheme.auth_mon_id 
_pdbx_poly_seq_scheme.pdb_strand_id 
_pdbx_poly_seq_scheme.pdb_ins_code 
_pdbx_poly_seq_scheme.hetero 
A 1 1  DG 1  1  1  DG G A . n 
A 1 2  DC 2  2  2  DC C A . n 
A 1 3  DA 3  3  3  DA A A . n 
A 1 4  DC 4  4  4  DC C A . n 
A 1 5  DG 5  5  5  DG G A . n 
A 1 6  DA 6  6  6  DA A A . n 
A 1 7  DA 7  7  7  DA A A . n 
A 1 8  DT 8  8  8  DT T A . n 
A 1 9  DT 9  9  9  DT T A . n 
A 1 10 DA 10 10 10 DA A A . n 
A 1 11 DA 11 11 11 DA A A . n 
A 1 12 DG 12 12 12 DG G A . n 
B 2 1  DC 1  1  1  DC C B . n 
B 2 2  DT 2  2  2  DT T B . n 
B 2 3  DT 3  3  3  DT T B . n 
B 2 4  DA 4  4  4  DA A B . n 
B 2 5  DA 5  5  5  DA A B . n 
B 2 6  DT 6  6  6  DT T B . n 
B 2 7  DT 7  7  7  DT T B . n 
B 2 8  DC 8  8  8  DC C B . n 
B 2 9  DG 9  9  9  DG G B . n 
B 2 10 DT 10 10 10 DT T B . n 
B 2 11 DG 11 11 11 DG G B . n 
B 2 12 DC 12 12 12 DC C B . n 
# 
_cell.entry_id           1COC 
_cell.length_a           1.000 
_cell.length_b           1.000 
_cell.length_c           1.000 
_cell.angle_alpha        90.00 
_cell.angle_beta         90.00 
_cell.angle_gamma        90.00 
_cell.Z_PDB              1 
_cell.pdbx_unique_axis   ? 
# 
_symmetry.entry_id                         1COC 
_symmetry.space_group_name_H-M             'P 1' 
_symmetry.pdbx_full_space_group_name_H-M   ? 
_symmetry.cell_setting                     ? 
_symmetry.Int_Tables_number                1 
# 
_exptl.entry_id          1COC 
_exptl.method            'SOLUTION NMR' 
_exptl.crystals_number   ? 
# 
_struct.entry_id                  1COC 
_struct.title                     
'SOLUTION-STATE STRUCTURE OF A DNA DODECAMER DUPLEX CONTAINING A CIS-SYN THYMINE CYCLOBUTANE DIMER.' 
_struct.pdbx_model_details        ? 
_struct.pdbx_CASP_flag            ? 
_struct.pdbx_model_type_details   ? 
# 
_struct_keywords.entry_id        1COC 
_struct_keywords.pdbx_keywords   DNA 
_struct_keywords.text            'DNA STRUCTURE, UV-PHOTOPRODUCTS, BII BACKBONE, DNA' 
# 
loop_
_struct_asym.id 
_struct_asym.pdbx_blank_PDB_chainid_flag 
_struct_asym.pdbx_modified 
_struct_asym.entity_id 
_struct_asym.details 
A N N 1 ? 
B N N 2 ? 
# 
loop_
_struct_ref.id 
_struct_ref.entity_id 
_struct_ref.db_name 
_struct_ref.db_code 
_struct_ref.pdbx_db_accession 
_struct_ref.pdbx_db_isoform 
_struct_ref.pdbx_seq_one_letter_code 
_struct_ref.pdbx_align_begin 
1 1 PDB 1COC 1COC ? ? ? 
2 2 PDB 1COC 1COC ? ? ? 
# 
loop_
_struct_ref_seq.align_id 
_struct_ref_seq.ref_id 
_struct_ref_seq.pdbx_PDB_id_code 
_struct_ref_seq.pdbx_strand_id 
_struct_ref_seq.seq_align_beg 
_struct_ref_seq.pdbx_seq_align_beg_ins_code 
_struct_ref_seq.seq_align_end 
_struct_ref_seq.pdbx_seq_align_end_ins_code 
_struct_ref_seq.pdbx_db_accession 
_struct_ref_seq.db_align_beg 
_struct_ref_seq.pdbx_db_align_beg_ins_code 
_struct_ref_seq.db_align_end 
_struct_ref_seq.pdbx_db_align_end_ins_code 
_struct_ref_seq.pdbx_auth_seq_align_beg 
_struct_ref_seq.pdbx_auth_seq_align_end 
1 1 1COC A 1 ? 12 ? 1COC 1 ? 12 ? 1 12 
2 2 1COC B 1 ? 12 ? 1COC 1 ? 12 ? 1 12 
# 
_pdbx_struct_assembly.id                   1 
_pdbx_struct_assembly.details              author_defined_assembly 
_pdbx_struct_assembly.method_details       ? 
_pdbx_struct_assembly.oligomeric_details   dimeric 
_pdbx_struct_assembly.oligomeric_count     2 
# 
_pdbx_struct_assembly_gen.assembly_id       1 
_pdbx_struct_assembly_gen.oper_expression   1 
_pdbx_struct_assembly_gen.asym_id_list      A,B 
# 
_pdbx_struct_oper_list.id                   1 
_pdbx_struct_oper_list.type                 'identity operation' 
_pdbx_struct_oper_list.name                 1_555 
_pdbx_struct_oper_list.symmetry_operation   x,y,z 
_pdbx_struct_oper_list.matrix[1][1]         1.0000000000 
_pdbx_struct_oper_list.matrix[1][2]         0.0000000000 
_pdbx_struct_oper_list.matrix[1][3]         0.0000000000 
_pdbx_struct_oper_list.vector[1]            0.0000000000 
_pdbx_struct_oper_list.matrix[2][1]         0.0000000000 
_pdbx_struct_oper_list.matrix[2][2]         1.0000000000 
_pdbx_struct_oper_list.matrix[2][3]         0.0000000000 
_pdbx_struct_oper_list.vector[2]            0.0000000000 
_pdbx_struct_oper_list.matrix[3][1]         0.0000000000 
_pdbx_struct_oper_list.matrix[3][2]         0.0000000000 
_pdbx_struct_oper_list.matrix[3][3]         1.0000000000 
_pdbx_struct_oper_list.vector[3]            0.0000000000 
# 
_struct_biol.id   1 
# 
loop_
_struct_conn.id 
_struct_conn.conn_type_id 
_struct_conn.pdbx_leaving_atom_flag 
_struct_conn.pdbx_PDB_id 
_struct_conn.ptnr1_label_asym_id 
_struct_conn.ptnr1_label_comp_id 
_struct_conn.ptnr1_label_seq_id 
_struct_conn.ptnr1_label_atom_id 
_struct_conn.pdbx_ptnr1_label_alt_id 
_struct_conn.pdbx_ptnr1_PDB_ins_code 
_struct_conn.pdbx_ptnr1_standard_comp_id 
_struct_conn.ptnr1_symmetry 
_struct_conn.ptnr2_label_asym_id 
_struct_conn.ptnr2_label_comp_id 
_struct_conn.ptnr2_label_seq_id 
_struct_conn.ptnr2_label_atom_id 
_struct_conn.pdbx_ptnr2_label_alt_id 
_struct_conn.pdbx_ptnr2_PDB_ins_code 
_struct_conn.ptnr1_auth_asym_id 
_struct_conn.ptnr1_auth_comp_id 
_struct_conn.ptnr1_auth_seq_id 
_struct_conn.ptnr2_auth_asym_id 
_struct_conn.ptnr2_auth_comp_id 
_struct_conn.ptnr2_auth_seq_id 
_struct_conn.ptnr2_symmetry 
_struct_conn.pdbx_ptnr3_label_atom_id 
_struct_conn.pdbx_ptnr3_label_seq_id 
_struct_conn.pdbx_ptnr3_label_comp_id 
_struct_conn.pdbx_ptnr3_label_asym_id 
_struct_conn.pdbx_ptnr3_label_alt_id 
_struct_conn.pdbx_ptnr3_PDB_ins_code 
_struct_conn.details 
_struct_conn.pdbx_dist_value 
_struct_conn.pdbx_value_order 
_struct_conn.pdbx_role 
hydrog1  hydrog ? ? A DG 1  N1 ? ? ? 1_555 B DC 12 N3 ? ? A DG 1  B DC 12 1_555 ? ? ? ? ? ? WATSON-CRICK    ? ? ? 
hydrog2  hydrog ? ? A DG 1  N2 ? ? ? 1_555 B DC 12 O2 ? ? A DG 1  B DC 12 1_555 ? ? ? ? ? ? WATSON-CRICK    ? ? ? 
hydrog3  hydrog ? ? A DG 1  O6 ? ? ? 1_555 B DC 12 N4 ? ? A DG 1  B DC 12 1_555 ? ? ? ? ? ? WATSON-CRICK    ? ? ? 
hydrog4  hydrog ? ? A DC 2  N3 ? ? ? 1_555 B DG 11 N1 ? ? A DC 2  B DG 11 1_555 ? ? ? ? ? ? WATSON-CRICK    ? ? ? 
hydrog5  hydrog ? ? A DC 2  N4 ? ? ? 1_555 B DG 11 O6 ? ? A DC 2  B DG 11 1_555 ? ? ? ? ? ? WATSON-CRICK    ? ? ? 
hydrog6  hydrog ? ? A DC 2  O2 ? ? ? 1_555 B DG 11 N2 ? ? A DC 2  B DG 11 1_555 ? ? ? ? ? ? WATSON-CRICK    ? ? ? 
hydrog7  hydrog ? ? A DA 3  N1 ? ? ? 1_555 B DT 10 N3 ? ? A DA 3  B DT 10 1_555 ? ? ? ? ? ? WATSON-CRICK    ? ? ? 
hydrog8  hydrog ? ? A DA 3  N6 ? ? ? 1_555 B DT 10 O4 ? ? A DA 3  B DT 10 1_555 ? ? ? ? ? ? WATSON-CRICK    ? ? ? 
hydrog9  hydrog ? ? A DC 4  N3 ? ? ? 1_555 B DG 9  N1 ? ? A DC 4  B DG 9  1_555 ? ? ? ? ? ? WATSON-CRICK    ? ? ? 
hydrog10 hydrog ? ? A DC 4  N4 ? ? ? 1_555 B DG 9  O6 ? ? A DC 4  B DG 9  1_555 ? ? ? ? ? ? WATSON-CRICK    ? ? ? 
hydrog11 hydrog ? ? A DC 4  O2 ? ? ? 1_555 B DG 9  N2 ? ? A DC 4  B DG 9  1_555 ? ? ? ? ? ? WATSON-CRICK    ? ? ? 
hydrog12 hydrog ? ? A DG 5  N1 ? ? ? 1_555 B DC 8  N3 ? ? A DG 5  B DC 8  1_555 ? ? ? ? ? ? WATSON-CRICK    ? ? ? 
hydrog13 hydrog ? ? A DG 5  N2 ? ? ? 1_555 B DC 8  O2 ? ? A DG 5  B DC 8  1_555 ? ? ? ? ? ? WATSON-CRICK    ? ? ? 
hydrog14 hydrog ? ? A DG 5  O6 ? ? ? 1_555 B DC 8  N4 ? ? A DG 5  B DC 8  1_555 ? ? ? ? ? ? WATSON-CRICK    ? ? ? 
hydrog15 hydrog ? ? A DA 6  N1 ? ? ? 1_555 B DT 7  N3 ? ? A DA 6  B DT 7  1_555 ? ? ? ? ? ? WATSON-CRICK    ? ? ? 
hydrog16 hydrog ? ? A DA 6  N6 ? ? ? 1_555 B DT 7  O4 ? ? A DA 6  B DT 7  1_555 ? ? ? ? ? ? WATSON-CRICK    ? ? ? 
hydrog17 hydrog ? ? A DA 7  N1 ? ? ? 1_555 B DT 6  N3 ? ? A DA 7  B DT 6  1_555 ? ? ? ? ? ? WATSON-CRICK    ? ? ? 
hydrog18 hydrog ? ? A DA 7  N6 ? ? ? 1_555 B DT 6  O4 ? ? A DA 7  B DT 6  1_555 ? ? ? ? ? ? WATSON-CRICK    ? ? ? 
hydrog19 hydrog ? ? A DA 7  N1 ? ? ? 1_555 B DT 7  N3 ? ? A DA 7  B DT 7  1_555 ? ? ? ? ? ? WATSON-CRICK    ? ? ? 
hydrog20 hydrog ? ? A DA 7  N6 ? ? ? 1_555 B DT 7  O4 ? ? A DA 7  B DT 7  1_555 ? ? ? ? ? ? WATSON-CRICK    ? ? ? 
hydrog21 hydrog ? ? A DT 8  N3 ? ? ? 1_555 B DA 5  N1 ? ? A DT 8  B DA 5  1_555 ? ? ? ? ? ? WATSON-CRICK    ? ? ? 
hydrog22 hydrog ? ? A DT 8  O4 ? ? ? 1_555 B DA 5  N6 ? ? A DT 8  B DA 5  1_555 ? ? ? ? ? ? WATSON-CRICK    ? ? ? 
hydrog23 hydrog ? ? A DT 9  N3 ? ? ? 1_555 B DA 4  N1 ? ? A DT 9  B DA 4  1_555 ? ? ? ? ? ? WATSON-CRICK    ? ? ? 
hydrog24 hydrog ? ? A DT 9  O4 ? ? ? 1_555 B DA 4  N6 ? ? A DT 9  B DA 4  1_555 ? ? ? ? ? ? WATSON-CRICK    ? ? ? 
hydrog25 hydrog ? ? A DT 9  N3 ? ? ? 1_555 B DA 5  N1 ? ? A DT 9  B DA 5  1_555 ? ? ? ? ? ? WATSON-CRICK    ? ? ? 
hydrog26 hydrog ? ? A DT 9  O4 ? ? ? 1_555 B DA 5  N6 ? ? A DT 9  B DA 5  1_555 ? ? ? ? ? ? WATSON-CRICK    ? ? ? 
hydrog27 hydrog ? ? A DA 10 N6 ? ? ? 1_555 B DT 2  O4 ? ? A DA 10 B DT 2  1_555 ? ? ? ? ? ? 'DA-DT PAIR'    ? ? ? 
hydrog28 hydrog ? ? A DA 10 N1 ? ? ? 1_555 B DT 3  N3 ? ? A DA 10 B DT 3  1_555 ? ? ? ? ? ? WATSON-CRICK    ? ? ? 
hydrog29 hydrog ? ? A DA 10 N6 ? ? ? 1_555 B DT 3  O4 ? ? A DA 10 B DT 3  1_555 ? ? ? ? ? ? WATSON-CRICK    ? ? ? 
hydrog30 hydrog ? ? A DA 11 N6 ? ? ? 1_555 B DC 1  N3 ? ? A DA 11 B DC 1  1_555 ? ? ? ? ? ? 'DA-DC MISPAIR' ? ? ? 
hydrog31 hydrog ? ? A DA 11 N1 ? ? ? 1_555 B DT 2  N3 ? ? A DA 11 B DT 2  1_555 ? ? ? ? ? ? WATSON-CRICK    ? ? ? 
hydrog32 hydrog ? ? A DA 11 N6 ? ? ? 1_555 B DT 2  O4 ? ? A DA 11 B DT 2  1_555 ? ? ? ? ? ? WATSON-CRICK    ? ? ? 
hydrog33 hydrog ? ? A DG 12 N1 ? ? ? 1_555 B DC 1  N3 ? ? A DG 12 B DC 1  1_555 ? ? ? ? ? ? WATSON-CRICK    ? ? ? 
hydrog34 hydrog ? ? A DG 12 N2 ? ? ? 1_555 B DC 1  O2 ? ? A DG 12 B DC 1  1_555 ? ? ? ? ? ? WATSON-CRICK    ? ? ? 
hydrog35 hydrog ? ? A DG 12 O6 ? ? ? 1_555 B DC 1  N4 ? ? A DG 12 B DC 1  1_555 ? ? ? ? ? ? WATSON-CRICK    ? ? ? 
# 
_struct_conn_type.id          hydrog 
_struct_conn_type.criteria    ? 
_struct_conn_type.reference   ? 
# 
loop_
_pdbx_validate_rmsd_bond.id 
_pdbx_validate_rmsd_bond.PDB_model_num 
_pdbx_validate_rmsd_bond.auth_atom_id_1 
_pdbx_validate_rmsd_bond.auth_asym_id_1 
_pdbx_validate_rmsd_bond.auth_comp_id_1 
_pdbx_validate_rmsd_bond.auth_seq_id_1 
_pdbx_validate_rmsd_bond.PDB_ins_code_1 
_pdbx_validate_rmsd_bond.label_alt_id_1 
_pdbx_validate_rmsd_bond.auth_atom_id_2 
_pdbx_validate_rmsd_bond.auth_asym_id_2 
_pdbx_validate_rmsd_bond.auth_comp_id_2 
_pdbx_validate_rmsd_bond.auth_seq_id_2 
_pdbx_validate_rmsd_bond.PDB_ins_code_2 
_pdbx_validate_rmsd_bond.label_alt_id_2 
_pdbx_validate_rmsd_bond.bond_value 
_pdbx_validate_rmsd_bond.bond_target_value 
_pdbx_validate_rmsd_bond.bond_deviation 
_pdbx_validate_rmsd_bond.bond_standard_deviation 
_pdbx_validate_rmsd_bond.linker_flag 
1  1 "C5'" A DC 2  ? ? "C4'" A DC 2  ? ? 1.560 1.512 0.048 0.007 N 
2  1 "C5'" A DC 4  ? ? "C4'" A DC 4  ? ? 1.563 1.512 0.051 0.007 N 
3  1 "C5'" A DA 6  ? ? "C4'" A DA 6  ? ? 1.554 1.512 0.042 0.007 N 
4  1 "C5'" A DT 8  ? ? "C4'" A DT 8  ? ? 1.557 1.512 0.045 0.007 N 
5  1 C5    A DT 8  ? ? C7    A DT 8  ? ? 1.550 1.496 0.054 0.006 N 
6  1 "C5'" A DT 9  ? ? "C4'" A DT 9  ? ? 1.566 1.512 0.054 0.007 N 
7  1 C5    A DT 9  ? ? C7    A DT 9  ? ? 1.545 1.496 0.049 0.006 N 
8  1 "C5'" B DC 1  ? ? "C4'" B DC 1  ? ? 1.556 1.512 0.044 0.007 N 
9  1 "C5'" B DT 2  ? ? "C4'" B DT 2  ? ? 1.561 1.512 0.049 0.007 N 
10 1 C5    B DT 2  ? ? C7    B DT 2  ? ? 1.533 1.496 0.037 0.006 N 
11 1 "C5'" B DT 3  ? ? "C4'" B DT 3  ? ? 1.556 1.512 0.044 0.007 N 
12 1 C5    B DT 3  ? ? C7    B DT 3  ? ? 1.535 1.496 0.039 0.006 N 
13 1 "C5'" B DT 6  ? ? "C4'" B DT 6  ? ? 1.558 1.512 0.046 0.007 N 
14 1 C5    B DT 6  ? ? C7    B DT 6  ? ? 1.541 1.496 0.045 0.006 N 
15 1 "C5'" B DT 7  ? ? "C4'" B DT 7  ? ? 1.564 1.512 0.052 0.007 N 
16 1 C5    B DT 7  ? ? C7    B DT 7  ? ? 1.539 1.496 0.043 0.006 N 
17 1 "C5'" B DC 8  ? ? "C4'" B DC 8  ? ? 1.563 1.512 0.051 0.007 N 
18 1 "C5'" B DT 10 ? ? "C4'" B DT 10 ? ? 1.562 1.512 0.050 0.007 N 
19 1 C5    B DT 10 ? ? C7    B DT 10 ? ? 1.538 1.496 0.042 0.006 N 
# 
loop_
_pdbx_validate_rmsd_angle.id 
_pdbx_validate_rmsd_angle.PDB_model_num 
_pdbx_validate_rmsd_angle.auth_atom_id_1 
_pdbx_validate_rmsd_angle.auth_asym_id_1 
_pdbx_validate_rmsd_angle.auth_comp_id_1 
_pdbx_validate_rmsd_angle.auth_seq_id_1 
_pdbx_validate_rmsd_angle.PDB_ins_code_1 
_pdbx_validate_rmsd_angle.label_alt_id_1 
_pdbx_validate_rmsd_angle.auth_atom_id_2 
_pdbx_validate_rmsd_angle.auth_asym_id_2 
_pdbx_validate_rmsd_angle.auth_comp_id_2 
_pdbx_validate_rmsd_angle.auth_seq_id_2 
_pdbx_validate_rmsd_angle.PDB_ins_code_2 
_pdbx_validate_rmsd_angle.label_alt_id_2 
_pdbx_validate_rmsd_angle.auth_atom_id_3 
_pdbx_validate_rmsd_angle.auth_asym_id_3 
_pdbx_validate_rmsd_angle.auth_comp_id_3 
_pdbx_validate_rmsd_angle.auth_seq_id_3 
_pdbx_validate_rmsd_angle.PDB_ins_code_3 
_pdbx_validate_rmsd_angle.label_alt_id_3 
_pdbx_validate_rmsd_angle.angle_value 
_pdbx_validate_rmsd_angle.angle_target_value 
_pdbx_validate_rmsd_angle.angle_deviation 
_pdbx_validate_rmsd_angle.angle_standard_deviation 
_pdbx_validate_rmsd_angle.linker_flag 
1  1 "O4'" A DG 1  ? ? "C1'" A DG 1  ? ? N9    A DG 1  ? ? 113.34 108.30 5.04  0.30 N 
2  1 "O4'" A DA 3  ? ? "C1'" A DA 3  ? ? N9    A DA 3  ? ? 112.57 108.30 4.27  0.30 N 
3  1 "O4'" A DC 4  ? ? "C1'" A DC 4  ? ? "C2'" A DC 4  ? ? 100.06 105.90 -5.84 0.80 N 
4  1 "O4'" A DC 4  ? ? "C1'" A DC 4  ? ? N1    A DC 4  ? ? 110.27 108.30 1.97  0.30 N 
5  1 "O4'" A DG 5  ? ? "C1'" A DG 5  ? ? N9    A DG 5  ? ? 115.01 108.30 6.71  0.30 N 
6  1 "O4'" A DA 6  ? ? "C1'" A DA 6  ? ? "C2'" A DA 6  ? ? 100.48 105.90 -5.42 0.80 N 
7  1 "O4'" A DA 6  ? ? "C1'" A DA 6  ? ? N9    A DA 6  ? ? 111.06 108.30 2.76  0.30 N 
8  1 "O4'" A DT 8  ? ? "C1'" A DT 8  ? ? "C2'" A DT 8  ? ? 101.08 105.90 -4.82 0.80 N 
9  1 "O4'" A DA 10 ? ? "C1'" A DA 10 ? ? N9    A DA 10 ? ? 112.78 108.30 4.48  0.30 N 
10 1 N9    A DA 11 ? ? "C1'" A DA 11 ? ? "C2'" A DA 11 ? ? 125.88 114.30 11.58 1.40 N 
11 1 "O4'" A DA 11 ? ? "C1'" A DA 11 ? ? N9    A DA 11 ? ? 112.51 108.30 4.21  0.30 N 
12 1 "O4'" A DG 12 ? ? "C1'" A DG 12 ? ? N9    A DG 12 ? ? 113.62 108.30 5.32  0.30 N 
13 1 "O4'" B DA 4  ? ? "C1'" B DA 4  ? ? N9    B DA 4  ? ? 113.43 108.30 5.13  0.30 N 
14 1 N7    B DA 4  ? ? C8    B DA 4  ? ? N9    B DA 4  ? ? 116.93 113.80 3.13  0.50 N 
15 1 N9    B DA 5  ? ? "C1'" B DA 5  ? ? "C2'" B DA 5  ? ? 123.82 114.30 9.52  1.40 N 
16 1 "O4'" B DA 5  ? ? "C1'" B DA 5  ? ? N9    B DA 5  ? ? 110.52 108.30 2.22  0.30 N 
17 1 N7    B DA 5  ? ? C8    B DA 5  ? ? N9    B DA 5  ? ? 117.09 113.80 3.29  0.50 N 
18 1 "O4'" B DT 7  ? ? "C1'" B DT 7  ? ? "C2'" B DT 7  ? ? 100.13 105.90 -5.77 0.80 N 
19 1 "O4'" B DC 8  ? ? "C1'" B DC 8  ? ? N1    B DC 8  ? ? 110.56 108.30 2.26  0.30 N 
20 1 "O4'" B DG 9  ? ? "C1'" B DG 9  ? ? "C2'" B DG 9  ? ? 101.01 105.90 -4.89 0.80 N 
21 1 "O4'" B DG 9  ? ? "C1'" B DG 9  ? ? N9    B DG 9  ? ? 115.54 108.30 7.24  0.30 N 
22 1 "O4'" B DT 10 ? ? "C1'" B DT 10 ? ? N1    B DT 10 ? ? 110.72 108.30 2.42  0.30 N 
23 1 "O4'" B DG 11 ? ? "C1'" B DG 11 ? ? N9    B DG 11 ? ? 112.78 108.30 4.48  0.30 N 
24 1 C8    B DG 11 ? ? N9    B DG 11 ? ? C4    B DG 11 ? ? 103.82 106.40 -2.58 0.40 N 
25 1 "O4'" B DC 12 ? ? "C1'" B DC 12 ? ? N1    B DC 12 ? ? 110.37 108.30 2.07  0.30 N 
# 
loop_
_pdbx_validate_planes.id 
_pdbx_validate_planes.PDB_model_num 
_pdbx_validate_planes.auth_comp_id 
_pdbx_validate_planes.auth_asym_id 
_pdbx_validate_planes.auth_seq_id 
_pdbx_validate_planes.PDB_ins_code 
_pdbx_validate_planes.label_alt_id 
_pdbx_validate_planes.rmsd 
_pdbx_validate_planes.type 
1  1 DG A 5 ? ? 0.063 'SIDE CHAIN' 
2  1 DA A 7 ? ? 0.058 'SIDE CHAIN' 
3  1 DT A 8 ? ? 0.089 'SIDE CHAIN' 
4  1 DT A 9 ? ? 0.076 'SIDE CHAIN' 
5  1 DC B 1 ? ? 0.101 'SIDE CHAIN' 
6  1 DT B 2 ? ? 0.079 'SIDE CHAIN' 
7  1 DT B 3 ? ? 0.059 'SIDE CHAIN' 
8  1 DA B 4 ? ? 0.050 'SIDE CHAIN' 
9  1 DA B 5 ? ? 0.066 'SIDE CHAIN' 
10 1 DT B 6 ? ? 0.084 'SIDE CHAIN' 
11 1 DG B 9 ? ? 0.064 'SIDE CHAIN' 
# 
_pdbx_nmr_ensemble.entry_id                             1COC 
_pdbx_nmr_ensemble.conformers_calculated_total_number   ? 
_pdbx_nmr_ensemble.conformers_submitted_total_number    1 
_pdbx_nmr_ensemble.conformer_selection_criteria         ? 
# 
_pdbx_nmr_exptl_sample_conditions.conditions_id       1 
_pdbx_nmr_exptl_sample_conditions.temperature         278 
_pdbx_nmr_exptl_sample_conditions.pressure            1 
_pdbx_nmr_exptl_sample_conditions.pH                  6.6 
_pdbx_nmr_exptl_sample_conditions.ionic_strength      ? 
_pdbx_nmr_exptl_sample_conditions.pressure_units      atm 
_pdbx_nmr_exptl_sample_conditions.temperature_units   K 
# 
loop_
_pdbx_nmr_exptl.experiment_id 
_pdbx_nmr_exptl.conditions_id 
_pdbx_nmr_exptl.type 
_pdbx_nmr_exptl.solution_id 
1 1 NOESY        1 
2 1 DQF-COSY     1 
3 1 HELCO        1 
4 1 HETERO-TOCSY 1 
# 
_pdbx_nmr_details.entry_id   1COC 
_pdbx_nmr_details.text       'MEAN STRUCTURE' 
# 
_pdbx_nmr_refine.entry_id           1COC 
_pdbx_nmr_refine.method             'molecular dynamics' 
_pdbx_nmr_refine.details            'REFINEMENT DETAILS CAN BE FOUND IN THE JOURNAL CITATION ABOVE.' 
_pdbx_nmr_refine.software_ordinal   1 
# 
loop_
_pdbx_nmr_software.classification 
_pdbx_nmr_software.name 
_pdbx_nmr_software.version 
_pdbx_nmr_software.authors 
_pdbx_nmr_software.ordinal 
refinement           Discover 3.1 BIOSYM/MSI 1 
'structure solution' Felix    ?   ?          2 
'structure solution' Discover ?   ?          3 
'structure solution' BIRDER   ?   ?          4 
# 
loop_
_chem_comp_atom.comp_id 
_chem_comp_atom.atom_id 
_chem_comp_atom.type_symbol 
_chem_comp_atom.pdbx_aromatic_flag 
_chem_comp_atom.pdbx_stereo_config 
_chem_comp_atom.pdbx_ordinal 
DA OP3    O N N 1   
DA P      P N N 2   
DA OP1    O N N 3   
DA OP2    O N N 4   
DA "O5'"  O N N 5   
DA "C5'"  C N N 6   
DA "C4'"  C N R 7   
DA "O4'"  O N N 8   
DA "C3'"  C N S 9   
DA "O3'"  O N N 10  
DA "C2'"  C N N 11  
DA "C1'"  C N R 12  
DA N9     N Y N 13  
DA C8     C Y N 14  
DA N7     N Y N 15  
DA C5     C Y N 16  
DA C6     C Y N 17  
DA N6     N N N 18  
DA N1     N Y N 19  
DA C2     C Y N 20  
DA N3     N Y N 21  
DA C4     C Y N 22  
DA HOP3   H N N 23  
DA HOP2   H N N 24  
DA "H5'"  H N N 25  
DA "H5''" H N N 26  
DA "H4'"  H N N 27  
DA "H3'"  H N N 28  
DA "HO3'" H N N 29  
DA "H2'"  H N N 30  
DA "H2''" H N N 31  
DA "H1'"  H N N 32  
DA H8     H N N 33  
DA H61    H N N 34  
DA H62    H N N 35  
DA H2     H N N 36  
DC OP3    O N N 37  
DC P      P N N 38  
DC OP1    O N N 39  
DC OP2    O N N 40  
DC "O5'"  O N N 41  
DC "C5'"  C N N 42  
DC "C4'"  C N R 43  
DC "O4'"  O N N 44  
DC "C3'"  C N S 45  
DC "O3'"  O N N 46  
DC "C2'"  C N N 47  
DC "C1'"  C N R 48  
DC N1     N N N 49  
DC C2     C N N 50  
DC O2     O N N 51  
DC N3     N N N 52  
DC C4     C N N 53  
DC N4     N N N 54  
DC C5     C N N 55  
DC C6     C N N 56  
DC HOP3   H N N 57  
DC HOP2   H N N 58  
DC "H5'"  H N N 59  
DC "H5''" H N N 60  
DC "H4'"  H N N 61  
DC "H3'"  H N N 62  
DC "HO3'" H N N 63  
DC "H2'"  H N N 64  
DC "H2''" H N N 65  
DC "H1'"  H N N 66  
DC H41    H N N 67  
DC H42    H N N 68  
DC H5     H N N 69  
DC H6     H N N 70  
DG OP3    O N N 71  
DG P      P N N 72  
DG OP1    O N N 73  
DG OP2    O N N 74  
DG "O5'"  O N N 75  
DG "C5'"  C N N 76  
DG "C4'"  C N R 77  
DG "O4'"  O N N 78  
DG "C3'"  C N S 79  
DG "O3'"  O N N 80  
DG "C2'"  C N N 81  
DG "C1'"  C N R 82  
DG N9     N Y N 83  
DG C8     C Y N 84  
DG N7     N Y N 85  
DG C5     C Y N 86  
DG C6     C N N 87  
DG O6     O N N 88  
DG N1     N N N 89  
DG C2     C N N 90  
DG N2     N N N 91  
DG N3     N N N 92  
DG C4     C Y N 93  
DG HOP3   H N N 94  
DG HOP2   H N N 95  
DG "H5'"  H N N 96  
DG "H5''" H N N 97  
DG "H4'"  H N N 98  
DG "H3'"  H N N 99  
DG "HO3'" H N N 100 
DG "H2'"  H N N 101 
DG "H2''" H N N 102 
DG "H1'"  H N N 103 
DG H8     H N N 104 
DG H1     H N N 105 
DG H21    H N N 106 
DG H22    H N N 107 
DT OP3    O N N 108 
DT P      P N N 109 
DT OP1    O N N 110 
DT OP2    O N N 111 
DT "O5'"  O N N 112 
DT "C5'"  C N N 113 
DT "C4'"  C N R 114 
DT "O4'"  O N N 115 
DT "C3'"  C N S 116 
DT "O3'"  O N N 117 
DT "C2'"  C N N 118 
DT "C1'"  C N R 119 
DT N1     N N N 120 
DT C2     C N N 121 
DT O2     O N N 122 
DT N3     N N N 123 
DT C4     C N N 124 
DT O4     O N N 125 
DT C5     C N N 126 
DT C7     C N N 127 
DT C6     C N N 128 
DT HOP3   H N N 129 
DT HOP2   H N N 130 
DT "H5'"  H N N 131 
DT "H5''" H N N 132 
DT "H4'"  H N N 133 
DT "H3'"  H N N 134 
DT "HO3'" H N N 135 
DT "H2'"  H N N 136 
DT "H2''" H N N 137 
DT "H1'"  H N N 138 
DT H3     H N N 139 
DT H71    H N N 140 
DT H72    H N N 141 
DT H73    H N N 142 
DT H6     H N N 143 
# 
loop_
_chem_comp_bond.comp_id 
_chem_comp_bond.atom_id_1 
_chem_comp_bond.atom_id_2 
_chem_comp_bond.value_order 
_chem_comp_bond.pdbx_aromatic_flag 
_chem_comp_bond.pdbx_stereo_config 
_chem_comp_bond.pdbx_ordinal 
DA OP3   P      sing N N 1   
DA OP3   HOP3   sing N N 2   
DA P     OP1    doub N N 3   
DA P     OP2    sing N N 4   
DA P     "O5'"  sing N N 5   
DA OP2   HOP2   sing N N 6   
DA "O5'" "C5'"  sing N N 7   
DA "C5'" "C4'"  sing N N 8   
DA "C5'" "H5'"  sing N N 9   
DA "C5'" "H5''" sing N N 10  
DA "C4'" "O4'"  sing N N 11  
DA "C4'" "C3'"  sing N N 12  
DA "C4'" "H4'"  sing N N 13  
DA "O4'" "C1'"  sing N N 14  
DA "C3'" "O3'"  sing N N 15  
DA "C3'" "C2'"  sing N N 16  
DA "C3'" "H3'"  sing N N 17  
DA "O3'" "HO3'" sing N N 18  
DA "C2'" "C1'"  sing N N 19  
DA "C2'" "H2'"  sing N N 20  
DA "C2'" "H2''" sing N N 21  
DA "C1'" N9     sing N N 22  
DA "C1'" "H1'"  sing N N 23  
DA N9    C8     sing Y N 24  
DA N9    C4     sing Y N 25  
DA C8    N7     doub Y N 26  
DA C8    H8     sing N N 27  
DA N7    C5     sing Y N 28  
DA C5    C6     sing Y N 29  
DA C5    C4     doub Y N 30  
DA C6    N6     sing N N 31  
DA C6    N1     doub Y N 32  
DA N6    H61    sing N N 33  
DA N6    H62    sing N N 34  
DA N1    C2     sing Y N 35  
DA C2    N3     doub Y N 36  
DA C2    H2     sing N N 37  
DA N3    C4     sing Y N 38  
DC OP3   P      sing N N 39  
DC OP3   HOP3   sing N N 40  
DC P     OP1    doub N N 41  
DC P     OP2    sing N N 42  
DC P     "O5'"  sing N N 43  
DC OP2   HOP2   sing N N 44  
DC "O5'" "C5'"  sing N N 45  
DC "C5'" "C4'"  sing N N 46  
DC "C5'" "H5'"  sing N N 47  
DC "C5'" "H5''" sing N N 48  
DC "C4'" "O4'"  sing N N 49  
DC "C4'" "C3'"  sing N N 50  
DC "C4'" "H4'"  sing N N 51  
DC "O4'" "C1'"  sing N N 52  
DC "C3'" "O3'"  sing N N 53  
DC "C3'" "C2'"  sing N N 54  
DC "C3'" "H3'"  sing N N 55  
DC "O3'" "HO3'" sing N N 56  
DC "C2'" "C1'"  sing N N 57  
DC "C2'" "H2'"  sing N N 58  
DC "C2'" "H2''" sing N N 59  
DC "C1'" N1     sing N N 60  
DC "C1'" "H1'"  sing N N 61  
DC N1    C2     sing N N 62  
DC N1    C6     sing N N 63  
DC C2    O2     doub N N 64  
DC C2    N3     sing N N 65  
DC N3    C4     doub N N 66  
DC C4    N4     sing N N 67  
DC C4    C5     sing N N 68  
DC N4    H41    sing N N 69  
DC N4    H42    sing N N 70  
DC C5    C6     doub N N 71  
DC C5    H5     sing N N 72  
DC C6    H6     sing N N 73  
DG OP3   P      sing N N 74  
DG OP3   HOP3   sing N N 75  
DG P     OP1    doub N N 76  
DG P     OP2    sing N N 77  
DG P     "O5'"  sing N N 78  
DG OP2   HOP2   sing N N 79  
DG "O5'" "C5'"  sing N N 80  
DG "C5'" "C4'"  sing N N 81  
DG "C5'" "H5'"  sing N N 82  
DG "C5'" "H5''" sing N N 83  
DG "C4'" "O4'"  sing N N 84  
DG "C4'" "C3'"  sing N N 85  
DG "C4'" "H4'"  sing N N 86  
DG "O4'" "C1'"  sing N N 87  
DG "C3'" "O3'"  sing N N 88  
DG "C3'" "C2'"  sing N N 89  
DG "C3'" "H3'"  sing N N 90  
DG "O3'" "HO3'" sing N N 91  
DG "C2'" "C1'"  sing N N 92  
DG "C2'" "H2'"  sing N N 93  
DG "C2'" "H2''" sing N N 94  
DG "C1'" N9     sing N N 95  
DG "C1'" "H1'"  sing N N 96  
DG N9    C8     sing Y N 97  
DG N9    C4     sing Y N 98  
DG C8    N7     doub Y N 99  
DG C8    H8     sing N N 100 
DG N7    C5     sing Y N 101 
DG C5    C6     sing N N 102 
DG C5    C4     doub Y N 103 
DG C6    O6     doub N N 104 
DG C6    N1     sing N N 105 
DG N1    C2     sing N N 106 
DG N1    H1     sing N N 107 
DG C2    N2     sing N N 108 
DG C2    N3     doub N N 109 
DG N2    H21    sing N N 110 
DG N2    H22    sing N N 111 
DG N3    C4     sing N N 112 
DT OP3   P      sing N N 113 
DT OP3   HOP3   sing N N 114 
DT P     OP1    doub N N 115 
DT P     OP2    sing N N 116 
DT P     "O5'"  sing N N 117 
DT OP2   HOP2   sing N N 118 
DT "O5'" "C5'"  sing N N 119 
DT "C5'" "C4'"  sing N N 120 
DT "C5'" "H5'"  sing N N 121 
DT "C5'" "H5''" sing N N 122 
DT "C4'" "O4'"  sing N N 123 
DT "C4'" "C3'"  sing N N 124 
DT "C4'" "H4'"  sing N N 125 
DT "O4'" "C1'"  sing N N 126 
DT "C3'" "O3'"  sing N N 127 
DT "C3'" "C2'"  sing N N 128 
DT "C3'" "H3'"  sing N N 129 
DT "O3'" "HO3'" sing N N 130 
DT "C2'" "C1'"  sing N N 131 
DT "C2'" "H2'"  sing N N 132 
DT "C2'" "H2''" sing N N 133 
DT "C1'" N1     sing N N 134 
DT "C1'" "H1'"  sing N N 135 
DT N1    C2     sing N N 136 
DT N1    C6     sing N N 137 
DT C2    O2     doub N N 138 
DT C2    N3     sing N N 139 
DT N3    C4     sing N N 140 
DT N3    H3     sing N N 141 
DT C4    O4     doub N N 142 
DT C4    C5     sing N N 143 
DT C5    C7     sing N N 144 
DT C5    C6     doub N N 145 
DT C7    H71    sing N N 146 
DT C7    H72    sing N N 147 
DT C7    H73    sing N N 148 
DT C6    H6     sing N N 149 
# 
loop_
_ndb_struct_conf_na.entry_id 
_ndb_struct_conf_na.feature 
1COC 'double helix'         
1COC 'b-form double helix'  
1COC 'mismatched base pair' 
1COC 'triple helix'         
# 
loop_
_ndb_struct_na_base_pair.model_number 
_ndb_struct_na_base_pair.i_label_asym_id 
_ndb_struct_na_base_pair.i_label_comp_id 
_ndb_struct_na_base_pair.i_label_seq_id 
_ndb_struct_na_base_pair.i_symmetry 
_ndb_struct_na_base_pair.j_label_asym_id 
_ndb_struct_na_base_pair.j_label_comp_id 
_ndb_struct_na_base_pair.j_label_seq_id 
_ndb_struct_na_base_pair.j_symmetry 
_ndb_struct_na_base_pair.shear 
_ndb_struct_na_base_pair.stretch 
_ndb_struct_na_base_pair.stagger 
_ndb_struct_na_base_pair.buckle 
_ndb_struct_na_base_pair.propeller 
_ndb_struct_na_base_pair.opening 
_ndb_struct_na_base_pair.pair_number 
_ndb_struct_na_base_pair.pair_name 
_ndb_struct_na_base_pair.i_auth_asym_id 
_ndb_struct_na_base_pair.i_auth_seq_id 
_ndb_struct_na_base_pair.i_PDB_ins_code 
_ndb_struct_na_base_pair.j_auth_asym_id 
_ndb_struct_na_base_pair.j_auth_seq_id 
_ndb_struct_na_base_pair.j_PDB_ins_code 
_ndb_struct_na_base_pair.hbond_type_28 
_ndb_struct_na_base_pair.hbond_type_12 
1 A DG 1  1_555 B DC 12 1_555 0.355  -0.187 -0.872 -6.256  24.386  -9.602  1  A_DG1:DC12_B A 1  ? B 12 ? 19 1 
1 A DC 2  1_555 B DG 11 1_555 1.061  -0.486 -0.434 0.725   18.097  -6.565  2  A_DC2:DG11_B A 2  ? B 11 ? 19 1 
1 A DA 3  1_555 B DT 10 1_555 -0.206 -0.016 0.177  13.828  16.413  1.824   3  A_DA3:DT10_B A 3  ? B 10 ? 20 1 
1 A DC 4  1_555 B DG 9  1_555 1.062  -0.326 -0.384 7.809   14.130  -0.210  4  A_DC4:DG9_B  A 4  ? B 9  ? 19 1 
1 A DG 5  1_555 B DC 8  1_555 -0.612 -0.228 -0.814 -23.338 10.002  -4.840  5  A_DG5:DC8_B  A 5  ? B 8  ? 19 1 
1 A DA 6  1_555 B DT 7  1_555 0.332  0.000  -0.639 -13.405 15.056  -10.392 6  A_DA6:DT7_B  A 6  ? B 7  ? 20 1 
1 A DA 7  1_555 B DT 6  1_555 -0.144 -0.071 -0.787 -1.106  10.135  -16.640 7  A_DA7:DT6_B  A 7  ? B 6  ? 20 1 
1 A DT 8  1_555 B DA 5  1_555 -0.078 -0.134 -1.010 -2.852  12.954  -19.065 8  A_DT8:DA5_B  A 8  ? B 5  ? 20 1 
1 A DT 9  1_555 B DA 4  1_555 -0.125 -0.307 -1.113 7.587   24.921  -20.471 9  A_DT9:DA4_B  A 9  ? B 4  ? 20 1 
1 A DA 10 1_555 B DT 3  1_555 -0.268 -0.127 0.968  -2.413  2.016   -11.664 10 A_DA10:DT3_B A 10 ? B 3  ? 20 1 
1 A DA 11 1_555 B DT 2  1_555 -0.573 -0.457 1.147  9.771   -8.372  -16.032 11 A_DA11:DT2_B A 11 ? B 2  ? 20 1 
1 A DG 12 1_555 B DC 1  1_555 -0.703 -0.416 0.839  6.368   -17.981 -8.485  12 A_DG12:DC1_B A 12 ? B 1  ? 19 1 
# 
loop_
_ndb_struct_na_base_pair_step.model_number 
_ndb_struct_na_base_pair_step.i_label_asym_id_1 
_ndb_struct_na_base_pair_step.i_label_comp_id_1 
_ndb_struct_na_base_pair_step.i_label_seq_id_1 
_ndb_struct_na_base_pair_step.i_symmetry_1 
_ndb_struct_na_base_pair_step.j_label_asym_id_1 
_ndb_struct_na_base_pair_step.j_label_comp_id_1 
_ndb_struct_na_base_pair_step.j_label_seq_id_1 
_ndb_struct_na_base_pair_step.j_symmetry_1 
_ndb_struct_na_base_pair_step.i_label_asym_id_2 
_ndb_struct_na_base_pair_step.i_label_comp_id_2 
_ndb_struct_na_base_pair_step.i_label_seq_id_2 
_ndb_struct_na_base_pair_step.i_symmetry_2 
_ndb_struct_na_base_pair_step.j_label_asym_id_2 
_ndb_struct_na_base_pair_step.j_label_comp_id_2 
_ndb_struct_na_base_pair_step.j_label_seq_id_2 
_ndb_struct_na_base_pair_step.j_symmetry_2 
_ndb_struct_na_base_pair_step.shift 
_ndb_struct_na_base_pair_step.slide 
_ndb_struct_na_base_pair_step.rise 
_ndb_struct_na_base_pair_step.tilt 
_ndb_struct_na_base_pair_step.roll 
_ndb_struct_na_base_pair_step.twist 
_ndb_struct_na_base_pair_step.x_displacement 
_ndb_struct_na_base_pair_step.y_displacement 
_ndb_struct_na_base_pair_step.helical_rise 
_ndb_struct_na_base_pair_step.inclination 
_ndb_struct_na_base_pair_step.tip 
_ndb_struct_na_base_pair_step.helical_twist 
_ndb_struct_na_base_pair_step.step_number 
_ndb_struct_na_base_pair_step.step_name 
_ndb_struct_na_base_pair_step.i_auth_asym_id_1 
_ndb_struct_na_base_pair_step.i_auth_seq_id_1 
_ndb_struct_na_base_pair_step.i_PDB_ins_code_1 
_ndb_struct_na_base_pair_step.j_auth_asym_id_1 
_ndb_struct_na_base_pair_step.j_auth_seq_id_1 
_ndb_struct_na_base_pair_step.j_PDB_ins_code_1 
_ndb_struct_na_base_pair_step.i_auth_asym_id_2 
_ndb_struct_na_base_pair_step.i_auth_seq_id_2 
_ndb_struct_na_base_pair_step.i_PDB_ins_code_2 
_ndb_struct_na_base_pair_step.j_auth_asym_id_2 
_ndb_struct_na_base_pair_step.j_auth_seq_id_2 
_ndb_struct_na_base_pair_step.j_PDB_ins_code_2 
1 A DG 1  1_555 B DC 12 1_555 A DC 2  1_555 B DG 11 1_555 -0.132 -1.855 3.441 -2.132 -1.645  39.363 -2.541 -0.072 3.515 -2.438  
3.160   39.452 1  AA_DG1DC2:DG11DC12_BB A 1  ? B 12 ? A 2  ? B 11 ? 
1 A DC 2  1_555 B DG 11 1_555 A DA 3  1_555 B DT 10 1_555 0.410  -2.535 3.229 -7.048 -11.958 23.125 -1.899 -2.972 3.785 -26.940 
15.879  26.922 2  AA_DC2DA3:DT10DG11_BB A 2  ? B 11 ? A 3  ? B 10 ? 
1 A DA 3  1_555 B DT 10 1_555 A DC 4  1_555 B DG 9  1_555 -0.370 -2.391 3.529 0.605  1.814   35.733 -4.169 0.694  3.401 2.953   
-0.985  35.783 3  AA_DA3DC4:DG9DT10_BB  A 3  ? B 10 ? A 4  ? B 9  ? 
1 A DC 4  1_555 B DG 9  1_555 A DG 5  1_555 B DC 8  1_555 -0.557 -3.101 4.368 4.784  -3.642  20.940 -6.209 4.101  4.594 -9.765  
-12.827 21.777 4  AA_DC4DG5:DC8DG9_BB   A 4  ? B 9  ? A 5  ? B 8  ? 
1 A DG 5  1_555 B DC 8  1_555 A DA 6  1_555 B DT 7  1_555 0.031  -1.781 3.234 5.517  -0.548  34.149 -2.912 0.794  3.227 -0.925  
-9.318  34.583 5  AA_DG5DA6:DT7DC8_BB   A 5  ? B 8  ? A 6  ? B 7  ? 
1 A DA 6  1_555 B DT 7  1_555 A DA 7  1_555 B DT 6  1_555 -0.423 -1.192 3.170 4.397  -6.227  32.328 -1.046 1.476  3.253 -10.994 
-7.763  33.191 6  AA_DA6DA7:DT6DT7_BB   A 6  ? B 7  ? A 7  ? B 6  ? 
1 A DA 7  1_555 B DT 6  1_555 A DT 8  1_555 B DA 5  1_555 -0.095 -1.228 3.579 1.540  3.384   35.421 -2.537 0.397  3.444 5.543   
-2.522  35.610 7  AA_DA7DT8:DA5DT6_BB   A 7  ? B 6  ? A 8  ? B 5  ? 
1 A DT 8  1_555 B DA 5  1_555 A DT 9  1_555 B DA 4  1_555 0.205  -0.803 3.404 -1.712 -2.735  33.878 -0.915 -0.636 3.442 -4.680  
2.929   34.027 8  AA_DT8DT9:DA4DA5_BB   A 8  ? B 5  ? A 9  ? B 4  ? 
1 A DT 9  1_555 B DA 4  1_555 A DA 10 1_555 B DT 3  1_555 0.195  -0.972 4.578 -7.865 -17.093 34.510 1.564  -1.678 4.424 -26.514 
12.200  39.169 9  AA_DT9DA10:DT3DA4_BB  A 9  ? B 4  ? A 10 ? B 3  ? 
1 A DA 10 1_555 B DT 3  1_555 A DA 11 1_555 B DT 2  1_555 0.176  -0.953 2.974 2.714  -4.782  32.666 -0.920 0.118  3.082 -8.428  
-4.783  33.113 10 AA_DA10DA11:DT2DT3_BB A 10 ? B 3  ? A 11 ? B 2  ? 
1 A DA 11 1_555 B DT 2  1_555 A DG 12 1_555 B DC 1  1_555 0.655  -0.904 3.189 5.833  -1.229  35.486 -1.290 -0.233 3.280 -1.999  
-9.487  35.968 11 AA_DA11DG12:DC1DT2_BB A 11 ? B 2  ? A 12 ? B 1  ? 
# 
loop_
_pdbx_nmr_spectrometer.spectrometer_id 
_pdbx_nmr_spectrometer.model 
_pdbx_nmr_spectrometer.manufacturer 
_pdbx_nmr_spectrometer.field_strength 
_pdbx_nmr_spectrometer.type 
1 UNITYPLUS Varian 750 ? 
2 UNITYPLUS Varian 500 ? 
# 
_atom_sites.entry_id                    1COC 
_atom_sites.fract_transf_matrix[1][1]   1.000000 
_atom_sites.fract_transf_matrix[1][2]   0.000000 
_atom_sites.fract_transf_matrix[1][3]   0.000000 
_atom_sites.fract_transf_matrix[2][1]   0.000000 
_atom_sites.fract_transf_matrix[2][2]   1.000000 
_atom_sites.fract_transf_matrix[2][3]   0.000000 
_atom_sites.fract_transf_matrix[3][1]   0.000000 
_atom_sites.fract_transf_matrix[3][2]   0.000000 
_atom_sites.fract_transf_matrix[3][3]   1.000000 
_atom_sites.fract_transf_vector[1]      0.00000 
_atom_sites.fract_transf_vector[2]      0.00000 
_atom_sites.fract_transf_vector[3]      0.00000 
# 
loop_
_atom_type.symbol 
C 
H 
N 
O 
P 
# 
loop_
_atom_site.group_PDB 
_atom_site.id 
_atom_site.type_symbol 
_atom_site.label_atom_id 
_atom_site.label_alt_id 
_atom_site.label_comp_id 
_atom_site.label_asym_id 
_atom_site.label_entity_id 
_atom_site.label_seq_id 
_atom_site.pdbx_PDB_ins_code 
_atom_site.Cartn_x 
_atom_site.Cartn_y 
_atom_site.Cartn_z 
_atom_site.occupancy 
_atom_site.B_iso_or_equiv 
_atom_site.pdbx_formal_charge 
_atom_site.auth_seq_id 
_atom_site.auth_comp_id 
_atom_site.auth_asym_id 
_atom_site.auth_atom_id 
_atom_site.pdbx_PDB_model_num 
ATOM 1   O "O5'"  . DG A 1 1  ? 21.833  -6.954  5.117   1.00 0.00 ? 1  DG A "O5'"  1 
ATOM 2   C "C5'"  . DG A 1 1  ? 22.944  -6.873  4.251   1.00 0.00 ? 1  DG A "C5'"  1 
ATOM 3   C "C4'"  . DG A 1 1  ? 22.566  -7.285  2.805   1.00 0.00 ? 1  DG A "C4'"  1 
ATOM 4   O "O4'"  . DG A 1 1  ? 22.025  -8.608  2.808   1.00 0.00 ? 1  DG A "O4'"  1 
ATOM 5   C "C3'"  . DG A 1 1  ? 21.523  -6.378  2.118   1.00 0.00 ? 1  DG A "C3'"  1 
ATOM 6   O "O3'"  . DG A 1 1  ? 21.756  -6.341  0.708   1.00 0.00 ? 1  DG A "O3'"  1 
ATOM 7   C "C2'"  . DG A 1 1  ? 20.260  -7.182  2.412   1.00 0.00 ? 1  DG A "C2'"  1 
ATOM 8   C "C1'"  . DG A 1 1  ? 20.772  -8.598  2.138   1.00 0.00 ? 1  DG A "C1'"  1 
ATOM 9   N N9     . DG A 1 1  ? 19.864  -9.663  2.586   1.00 0.00 ? 1  DG A N9     1 
ATOM 10  C C8     . DG A 1 1  ? 19.644  -10.066 3.861   1.00 0.00 ? 1  DG A C8     1 
ATOM 11  N N7     . DG A 1 1  ? 18.766  -11.018 3.991   1.00 0.00 ? 1  DG A N7     1 
ATOM 12  C C5     . DG A 1 1  ? 18.405  -11.301 2.679   1.00 0.00 ? 1  DG A C5     1 
ATOM 13  C C6     . DG A 1 1  ? 17.500  -12.279 2.171   1.00 0.00 ? 1  DG A C6     1 
ATOM 14  O O6     . DG A 1 1  ? 16.795  -13.057 2.808   1.00 0.00 ? 1  DG A O6     1 
ATOM 15  N N1     . DG A 1 1  ? 17.467  -12.302 0.778   1.00 0.00 ? 1  DG A N1     1 
ATOM 16  C C2     . DG A 1 1  ? 18.226  -11.485 -0.037  1.00 0.00 ? 1  DG A C2     1 
ATOM 17  N N2     . DG A 1 1  ? 18.080  -11.648 -1.357  1.00 0.00 ? 1  DG A N2     1 
ATOM 18  N N3     . DG A 1 1  ? 19.073  -10.556 0.439   1.00 0.00 ? 1  DG A N3     1 
ATOM 19  C C4     . DG A 1 1  ? 19.112  -10.510 1.801   1.00 0.00 ? 1  DG A C4     1 
ATOM 20  H "H5'"  . DG A 1 1  ? 23.697  -7.573  4.614   1.00 0.00 ? 1  DG A "H5'"  1 
ATOM 21  H "H5''" . DG A 1 1  ? 23.366  -5.860  4.334   1.00 0.00 ? 1  DG A "H5''" 1 
ATOM 22  H "H4'"  . DG A 1 1  ? 23.481  -7.299  2.214   1.00 0.00 ? 1  DG A "H4'"  1 
ATOM 23  H "H3'"  . DG A 1 1  ? 21.523  -5.357  2.524   1.00 0.00 ? 1  DG A "H3'"  1 
ATOM 24  H "H2'"  . DG A 1 1  ? 19.972  -7.075  3.457   1.00 0.00 ? 1  DG A "H2'"  1 
ATOM 25  H "H2''" . DG A 1 1  ? 19.426  -6.885  1.794   1.00 0.00 ? 1  DG A "H2''" 1 
ATOM 26  H "H1'"  . DG A 1 1  ? 20.893  -8.807  1.086   1.00 0.00 ? 1  DG A "H1'"  1 
ATOM 27  H H8     . DG A 1 1  ? 20.192  -9.598  4.648   1.00 0.00 ? 1  DG A H8     1 
ATOM 28  H H1     . DG A 1 1  ? 16.837  -12.963 0.343   1.00 0.00 ? 1  DG A H1     1 
ATOM 29  H H21    . DG A 1 1  ? 17.446  -12.349 -1.719  1.00 0.00 ? 1  DG A H21    1 
ATOM 30  H H22    . DG A 1 1  ? 18.595  -11.058 -1.994  1.00 0.00 ? 1  DG A H22    1 
ATOM 31  H "HO5'" . DG A 1 1  ? 21.516  -7.860  5.114   1.00 0.00 ? 1  DG A "HO5'" 1 
ATOM 32  P P      . DC A 1 2  ? 20.872  -5.421  -0.313  1.00 0.00 ? 2  DC A P      1 
ATOM 33  O OP1    . DC A 1 2  ? 21.827  -4.711  -1.192  1.00 0.00 ? 2  DC A OP1    1 
ATOM 34  O OP2    . DC A 1 2  ? 19.914  -4.632  0.487   1.00 0.00 ? 2  DC A OP2    1 
ATOM 35  O "O5'"  . DC A 1 2  ? 20.009  -6.436  -1.243  1.00 0.00 ? 2  DC A "O5'"  1 
ATOM 36  C "C5'"  . DC A 1 2  ? 20.597  -7.217  -2.275  1.00 0.00 ? 2  DC A "C5'"  1 
ATOM 37  C "C4'"  . DC A 1 2  ? 19.492  -7.879  -3.155  1.00 0.00 ? 2  DC A "C4'"  1 
ATOM 38  O "O4'"  . DC A 1 2  ? 18.659  -8.711  -2.367  1.00 0.00 ? 2  DC A "O4'"  1 
ATOM 39  C "C3'"  . DC A 1 2  ? 18.557  -6.918  -3.908  1.00 0.00 ? 2  DC A "C3'"  1 
ATOM 40  O "O3'"  . DC A 1 2  ? 18.311  -7.451  -5.208  1.00 0.00 ? 2  DC A "O3'"  1 
ATOM 41  C "C2'"  . DC A 1 2  ? 17.305  -6.948  -3.048  1.00 0.00 ? 2  DC A "C2'"  1 
ATOM 42  C "C1'"  . DC A 1 2  ? 17.297  -8.431  -2.656  1.00 0.00 ? 2  DC A "C1'"  1 
ATOM 43  N N1     . DC A 1 2  ? 16.499  -8.741  -1.438  1.00 0.00 ? 2  DC A N1     1 
ATOM 44  C C2     . DC A 1 2  ? 15.456  -9.668  -1.516  1.00 0.00 ? 2  DC A C2     1 
ATOM 45  O O2     . DC A 1 2  ? 15.066  -10.127 -2.588  1.00 0.00 ? 2  DC A O2     1 
ATOM 46  N N3     . DC A 1 2  ? 14.871  -10.081 -0.358  1.00 0.00 ? 2  DC A N3     1 
ATOM 47  C C4     . DC A 1 2  ? 15.282  -9.631  0.835   1.00 0.00 ? 2  DC A C4     1 
ATOM 48  N N4     . DC A 1 2  ? 14.687  -10.103 1.936   1.00 0.00 ? 2  DC A N4     1 
ATOM 49  C C5     . DC A 1 2  ? 16.371  -8.704  0.946   1.00 0.00 ? 2  DC A C5     1 
ATOM 50  C C6     . DC A 1 2  ? 16.937  -8.294  -0.216  1.00 0.00 ? 2  DC A C6     1 
ATOM 51  H "H5'"  . DC A 1 2  ? 21.169  -8.012  -1.796  1.00 0.00 ? 2  DC A "H5'"  1 
ATOM 52  H "H5''" . DC A 1 2  ? 21.313  -6.597  -2.847  1.00 0.00 ? 2  DC A "H5''" 1 
ATOM 53  H "H4'"  . DC A 1 2  ? 19.915  -8.559  -3.887  1.00 0.00 ? 2  DC A "H4'"  1 
ATOM 54  H "H3'"  . DC A 1 2  ? 18.977  -5.915  -3.933  1.00 0.00 ? 2  DC A "H3'"  1 
ATOM 55  H "H2'"  . DC A 1 2  ? 17.519  -6.271  -2.214  1.00 0.00 ? 2  DC A "H2'"  1 
ATOM 56  H "H2''" . DC A 1 2  ? 16.412  -6.631  -3.595  1.00 0.00 ? 2  DC A "H2''" 1 
ATOM 57  H "H1'"  . DC A 1 2  ? 16.966  -9.031  -3.516  1.00 0.00 ? 2  DC A "H1'"  1 
ATOM 58  H H41    . DC A 1 2  ? 13.900  -10.730 1.831   1.00 0.00 ? 2  DC A H41    1 
ATOM 59  H H42    . DC A 1 2  ? 14.979  -9.795  2.850   1.00 0.00 ? 2  DC A H42    1 
ATOM 60  H H5     . DC A 1 2  ? 16.745  -8.351  1.898   1.00 0.00 ? 2  DC A H5     1 
ATOM 61  H H6     . DC A 1 2  ? 17.792  -7.641  -0.205  1.00 0.00 ? 2  DC A H6     1 
ATOM 62  P P      . DA A 1 3  ? 17.381  -6.733  -6.326  1.00 0.00 ? 3  DA A P      1 
ATOM 63  O OP1    . DA A 1 3  ? 17.974  -7.036  -7.650  1.00 0.00 ? 3  DA A OP1    1 
ATOM 64  O OP2    . DA A 1 3  ? 17.182  -5.321  -5.940  1.00 0.00 ? 3  DA A OP2    1 
ATOM 65  O "O5'"  . DA A 1 3  ? 15.942  -7.496  -6.227  1.00 0.00 ? 3  DA A "O5'"  1 
ATOM 66  C "C5'"  . DA A 1 3  ? 15.794  -8.844  -6.650  1.00 0.00 ? 3  DA A "C5'"  1 
ATOM 67  C "C4'"  . DA A 1 3  ? 14.338  -9.368  -6.575  1.00 0.00 ? 3  DA A "C4'"  1 
ATOM 68  O "O4'"  . DA A 1 3  ? 13.866  -9.493  -5.227  1.00 0.00 ? 3  DA A "O4'"  1 
ATOM 69  C "C3'"  . DA A 1 3  ? 13.302  -8.541  -7.363  1.00 0.00 ? 3  DA A "C3'"  1 
ATOM 70  O "O3'"  . DA A 1 3  ? 12.478  -9.448  -8.090  1.00 0.00 ? 3  DA A "O3'"  1 
ATOM 71  C "C2'"  . DA A 1 3  ? 12.489  -7.932  -6.205  1.00 0.00 ? 3  DA A "C2'"  1 
ATOM 72  C "C1'"  . DA A 1 3  ? 12.512  -9.063  -5.143  1.00 0.00 ? 3  DA A "C1'"  1 
ATOM 73  N N9     . DA A 1 3  ? 12.085  -8.797  -3.747  1.00 0.00 ? 3  DA A N9     1 
ATOM 74  C C8     . DA A 1 3  ? 12.728  -8.038  -2.837  1.00 0.00 ? 3  DA A C8     1 
ATOM 75  N N7     . DA A 1 3  ? 12.242  -8.033  -1.630  1.00 0.00 ? 3  DA A N7     1 
ATOM 76  C C5     . DA A 1 3  ? 11.183  -8.919  -1.733  1.00 0.00 ? 3  DA A C5     1 
ATOM 77  C C6     . DA A 1 3  ? 10.233  -9.382  -0.798  1.00 0.00 ? 3  DA A C6     1 
ATOM 78  N N6     . DA A 1 3  ? 10.173  -8.951  0.468   1.00 0.00 ? 3  DA A N6     1 
ATOM 79  N N1     . DA A 1 3  ? 9.346   -10.307 -1.201  1.00 0.00 ? 3  DA A N1     1 
ATOM 80  C C2     . DA A 1 3  ? 9.398   -10.751 -2.452  1.00 0.00 ? 3  DA A C2     1 
ATOM 81  N N3     . DA A 1 3  ? 10.229  -10.394 -3.428  1.00 0.00 ? 3  DA A N3     1 
ATOM 82  C C4     . DA A 1 3  ? 11.111  -9.444  -3.005  1.00 0.00 ? 3  DA A C4     1 
ATOM 83  H "H5'"  . DA A 1 3  ? 16.413  -9.478  -6.016  1.00 0.00 ? 3  DA A "H5'"  1 
ATOM 84  H "H5''" . DA A 1 3  ? 16.172  -8.927  -7.677  1.00 0.00 ? 3  DA A "H5''" 1 
ATOM 85  H "H4'"  . DA A 1 3  ? 14.358  -10.375 -6.995  1.00 0.00 ? 3  DA A "H4'"  1 
ATOM 86  H "H3'"  . DA A 1 3  ? 13.772  -7.825  -8.078  1.00 0.00 ? 3  DA A "H3'"  1 
ATOM 87  H "H2'"  . DA A 1 3  ? 13.019  -7.059  -5.820  1.00 0.00 ? 3  DA A "H2'"  1 
ATOM 88  H "H2''" . DA A 1 3  ? 11.511  -7.631  -6.582  1.00 0.00 ? 3  DA A "H2''" 1 
ATOM 89  H "H1'"  . DA A 1 3  ? 11.810  -9.850  -5.328  1.00 0.00 ? 3  DA A "H1'"  1 
ATOM 90  H H8     . DA A 1 3  ? 13.586  -7.541  -3.173  1.00 0.00 ? 3  DA A H8     1 
ATOM 91  H H61    . DA A 1 3  ? 9.452   -9.297  1.088   1.00 0.00 ? 3  DA A H61    1 
ATOM 92  H H62    . DA A 1 3  ? 10.844  -8.273  0.795   1.00 0.00 ? 3  DA A H62    1 
ATOM 93  H H2     . DA A 1 3  ? 8.665   -11.499 -2.697  1.00 0.00 ? 3  DA A H2     1 
ATOM 94  P P      . DC A 1 4  ? 11.272  -8.965  -9.068  1.00 0.00 ? 4  DC A P      1 
ATOM 95  O OP1    . DC A 1 4  ? 11.302  -9.822  -10.272 1.00 0.00 ? 4  DC A OP1    1 
ATOM 96  O OP2    . DC A 1 4  ? 11.363  -7.498  -9.227  1.00 0.00 ? 4  DC A OP2    1 
ATOM 97  O "O5'"  . DC A 1 4  ? 9.903   -9.292  -8.245  1.00 0.00 ? 4  DC A "O5'"  1 
ATOM 98  C "C5'"  . DC A 1 4  ? 9.432   -10.622 -8.089  1.00 0.00 ? 4  DC A "C5'"  1 
ATOM 99  C "C4'"  . DC A 1 4  ? 8.049   -10.670 -7.362  1.00 0.00 ? 4  DC A "C4'"  1 
ATOM 100 O "O4'"  . DC A 1 4  ? 8.129   -10.300 -5.987  1.00 0.00 ? 4  DC A "O4'"  1 
ATOM 101 C "C3'"  . DC A 1 4  ? 6.912   -9.816  -7.949  1.00 0.00 ? 4  DC A "C3'"  1 
ATOM 102 O "O3'"  . DC A 1 4  ? 5.747   -10.637 -8.060  1.00 0.00 ? 4  DC A "O3'"  1 
ATOM 103 C "C2'"  . DC A 1 4  ? 6.694   -8.773  -6.878  1.00 0.00 ? 4  DC A "C2'"  1 
ATOM 104 C "C1'"  . DC A 1 4  ? 6.931   -9.617  -5.612  1.00 0.00 ? 4  DC A "C1'"  1 
ATOM 105 N N1     . DC A 1 4  ? 7.160   -8.814  -4.382  1.00 0.00 ? 4  DC A N1     1 
ATOM 106 C C2     . DC A 1 4  ? 6.329   -8.976  -3.270  1.00 0.00 ? 4  DC A C2     1 
ATOM 107 O O2     . DC A 1 4  ? 5.333   -9.696  -3.305  1.00 0.00 ? 4  DC A O2     1 
ATOM 108 N N3     . DC A 1 4  ? 6.648   -8.320  -2.122  1.00 0.00 ? 4  DC A N3     1 
ATOM 109 C C4     . DC A 1 4  ? 7.750   -7.561  -2.032  1.00 0.00 ? 4  DC A C4     1 
ATOM 110 N N4     . DC A 1 4  ? 8.001   -6.963  -0.863  1.00 0.00 ? 4  DC A N4     1 
ATOM 111 C C5     . DC A 1 4  ? 8.660   -7.431  -3.143  1.00 0.00 ? 4  DC A C5     1 
ATOM 112 C C6     . DC A 1 4  ? 8.301   -8.070  -4.283  1.00 0.00 ? 4  DC A C6     1 
ATOM 113 H "H5'"  . DC A 1 4  ? 10.149  -11.157 -7.465  1.00 0.00 ? 4  DC A "H5'"  1 
ATOM 114 H "H5''" . DC A 1 4  ? 9.448   -11.098 -9.092  1.00 0.00 ? 4  DC A "H5''" 1 
ATOM 115 H "H4'"  . DC A 1 4  ? 7.683   -11.692 -7.310  1.00 0.00 ? 4  DC A "H4'"  1 
ATOM 116 H "H3'"  . DC A 1 4  ? 7.176   -9.297  -8.867  1.00 0.00 ? 4  DC A "H3'"  1 
ATOM 117 H "H2'"  . DC A 1 4  ? 7.427   -7.979  -6.972  1.00 0.00 ? 4  DC A "H2'"  1 
ATOM 118 H "H2''" . DC A 1 4  ? 5.740   -8.322  -7.091  1.00 0.00 ? 4  DC A "H2''" 1 
ATOM 119 H "H1'"  . DC A 1 4  ? 6.127   -10.334 -5.405  1.00 0.00 ? 4  DC A "H1'"  1 
ATOM 120 H H41    . DC A 1 4  ? 7.343   -7.085  -0.101  1.00 0.00 ? 4  DC A H41    1 
ATOM 121 H H42    . DC A 1 4  ? 8.813   -6.376  -0.749  1.00 0.00 ? 4  DC A H42    1 
ATOM 122 H H5     . DC A 1 4  ? 9.625   -6.934  -3.098  1.00 0.00 ? 4  DC A H5     1 
ATOM 123 H H6     . DC A 1 4  ? 8.915   -8.062  -5.160  1.00 0.00 ? 4  DC A H6     1 
ATOM 124 P P      . DG A 1 5  ? 4.310   -10.115 -8.624  1.00 0.00 ? 5  DG A P      1 
ATOM 125 O OP1    . DG A 1 5  ? 3.709   -11.235 -9.380  1.00 0.00 ? 5  DG A OP1    1 
ATOM 126 O OP2    . DG A 1 5  ? 4.507   -8.812  -9.291  1.00 0.00 ? 5  DG A OP2    1 
ATOM 127 O "O5'"  . DG A 1 5  ? 3.403   -9.880  -7.286  1.00 0.00 ? 5  DG A "O5'"  1 
ATOM 128 C "C5'"  . DG A 1 5  ? 3.019   -10.977 -6.464  1.00 0.00 ? 5  DG A "C5'"  1 
ATOM 129 C "C4'"  . DG A 1 5  ? 1.758   -10.813 -5.588  1.00 0.00 ? 5  DG A "C4'"  1 
ATOM 130 O "O4'"  . DG A 1 5  ? 2.017   -10.278 -4.268  1.00 0.00 ? 5  DG A "O4'"  1 
ATOM 131 C "C3'"  . DG A 1 5  ? 0.694   -9.876  -6.180  1.00 0.00 ? 5  DG A "C3'"  1 
ATOM 132 O "O3'"  . DG A 1 5  ? -0.589  -10.407 -5.877  1.00 0.00 ? 5  DG A "O3'"  1 
ATOM 133 C "C2'"  . DG A 1 5  ? 0.968   -8.560  -5.433  1.00 0.00 ? 5  DG A "C2'"  1 
ATOM 134 C "C1'"  . DG A 1 5  ? 1.269   -9.067  -4.023  1.00 0.00 ? 5  DG A "C1'"  1 
ATOM 135 N N9     . DG A 1 5  ? 1.936   -8.085  -3.119  1.00 0.00 ? 5  DG A N9     1 
ATOM 136 C C8     . DG A 1 5  ? 3.138   -7.435  -3.243  1.00 0.00 ? 5  DG A C8     1 
ATOM 137 N N7     . DG A 1 5  ? 3.377   -6.541  -2.327  1.00 0.00 ? 5  DG A N7     1 
ATOM 138 C C5     . DG A 1 5  ? 2.271   -6.622  -1.496  1.00 0.00 ? 5  DG A C5     1 
ATOM 139 C C6     . DG A 1 5  ? 1.981   -5.910  -0.294  1.00 0.00 ? 5  DG A C6     1 
ATOM 140 O O6     . DG A 1 5  ? 2.626   -4.997  0.213   1.00 0.00 ? 5  DG A O6     1 
ATOM 141 N N1     . DG A 1 5  ? 0.822   -6.363  0.331   1.00 0.00 ? 5  DG A N1     1 
ATOM 142 C C2     . DG A 1 5  ? 0.018   -7.373  -0.163  1.00 0.00 ? 5  DG A C2     1 
ATOM 143 N N2     . DG A 1 5  ? -1.055  -7.707  0.561   1.00 0.00 ? 5  DG A N2     1 
ATOM 144 N N3     . DG A 1 5  ? 0.275   -8.018  -1.311  1.00 0.00 ? 5  DG A N3     1 
ATOM 145 C C4     . DG A 1 5  ? 1.413   -7.602  -1.933  1.00 0.00 ? 5  DG A C4     1 
ATOM 146 H "H5'"  . DG A 1 5  ? 3.857   -11.275 -5.837  1.00 0.00 ? 5  DG A "H5'"  1 
ATOM 147 H "H5''" . DG A 1 5  ? 2.786   -11.810 -7.133  1.00 0.00 ? 5  DG A "H5''" 1 
ATOM 148 H "H4'"  . DG A 1 5  ? 1.426   -11.877 -5.589  1.00 0.00 ? 5  DG A "H4'"  1 
ATOM 149 H "H3'"  . DG A 1 5  ? 0.799   -9.780  -7.263  1.00 0.00 ? 5  DG A "H3'"  1 
ATOM 150 H "H2'"  . DG A 1 5  ? 1.851   -8.082  -5.857  1.00 0.00 ? 5  DG A "H2'"  1 
ATOM 151 H "H2''" . DG A 1 5  ? 0.123   -7.869  -5.456  1.00 0.00 ? 5  DG A "H2''" 1 
ATOM 152 H "H1'"  . DG A 1 5  ? 0.303   -9.189  -3.513  1.00 0.00 ? 5  DG A "H1'"  1 
ATOM 153 H H8     . DG A 1 5  ? 3.845   -7.632  -4.018  1.00 0.00 ? 5  DG A H8     1 
ATOM 154 H H1     . DG A 1 5  ? 0.570   -5.912  1.201   1.00 0.00 ? 5  DG A H1     1 
ATOM 155 H H21    . DG A 1 5  ? -1.237  -7.249  1.444   1.00 0.00 ? 5  DG A H21    1 
ATOM 156 H H22    . DG A 1 5  ? -1.673  -8.435  0.231   1.00 0.00 ? 5  DG A H22    1 
ATOM 157 P P      . DA A 1 6  ? -1.961  -9.693  -6.358  1.00 0.00 ? 6  DA A P      1 
ATOM 158 O OP1    . DA A 1 6  ? -2.945  -10.744 -6.700  1.00 0.00 ? 6  DA A OP1    1 
ATOM 159 O OP2    . DA A 1 6  ? -1.622  -8.657  -7.360  1.00 0.00 ? 6  DA A OP2    1 
ATOM 160 O "O5'"  . DA A 1 6  ? -2.475  -8.952  -5.016  1.00 0.00 ? 6  DA A "O5'"  1 
ATOM 161 C "C5'"  . DA A 1 6  ? -2.872  -9.689  -3.870  1.00 0.00 ? 6  DA A "C5'"  1 
ATOM 162 C "C4'"  . DA A 1 6  ? -3.471  -8.714  -2.818  1.00 0.00 ? 6  DA A "C4'"  1 
ATOM 163 O "O4'"  . DA A 1 6  ? -2.518  -7.763  -2.349  1.00 0.00 ? 6  DA A "O4'"  1 
ATOM 164 C "C3'"  . DA A 1 6  ? -4.699  -7.928  -3.309  1.00 0.00 ? 6  DA A "C3'"  1 
ATOM 165 O "O3'"  . DA A 1 6  ? -5.715  -8.152  -2.348  1.00 0.00 ? 6  DA A "O3'"  1 
ATOM 166 C "C2'"  . DA A 1 6  ? -4.156  -6.485  -3.277  1.00 0.00 ? 6  DA A "C2'"  1 
ATOM 167 C "C1'"  . DA A 1 6  ? -3.184  -6.535  -2.087  1.00 0.00 ? 6  DA A "C1'"  1 
ATOM 168 N N9     . DA A 1 6  ? -2.213  -5.436  -1.879  1.00 0.00 ? 6  DA A N9     1 
ATOM 169 C C8     . DA A 1 6  ? -1.130  -5.159  -2.651  1.00 0.00 ? 6  DA A C8     1 
ATOM 170 N N7     . DA A 1 6  ? -0.331  -4.240  -2.197  1.00 0.00 ? 6  DA A N7     1 
ATOM 171 C C5     . DA A 1 6  ? -0.908  -3.902  -0.983  1.00 0.00 ? 6  DA A C5     1 
ATOM 172 C C6     . DA A 1 6  ? -0.520  -3.007  0.032   1.00 0.00 ? 6  DA A C6     1 
ATOM 173 N N6     . DA A 1 6  ? 0.552   -2.213  -0.082  1.00 0.00 ? 6  DA A N6     1 
ATOM 174 N N1     . DA A 1 6  ? -1.241  -2.966  1.166   1.00 0.00 ? 6  DA A N1     1 
ATOM 175 C C2     . DA A 1 6  ? -2.284  -3.782  1.293   1.00 0.00 ? 6  DA A C2     1 
ATOM 176 N N3     . DA A 1 6  ? -2.765  -4.657  0.407   1.00 0.00 ? 6  DA A N3     1 
ATOM 177 C C4     . DA A 1 6  ? -2.027  -4.666  -0.742  1.00 0.00 ? 6  DA A C4     1 
ATOM 178 H "H5'"  . DA A 1 6  ? -1.994  -10.158 -3.428  1.00 0.00 ? 6  DA A "H5'"  1 
ATOM 179 H "H5''" . DA A 1 6  ? -3.544  -10.511 -4.194  1.00 0.00 ? 6  DA A "H5''" 1 
ATOM 180 H "H4'"  . DA A 1 6  ? -3.748  -9.225  -1.899  1.00 0.00 ? 6  DA A "H4'"  1 
ATOM 181 H "H3'"  . DA A 1 6  ? -5.088  -8.274  -4.277  1.00 0.00 ? 6  DA A "H3'"  1 
ATOM 182 H "H2'"  . DA A 1 6  ? -3.601  -6.290  -4.196  1.00 0.00 ? 6  DA A "H2'"  1 
ATOM 183 H "H2''" . DA A 1 6  ? -4.957  -5.760  -3.171  1.00 0.00 ? 6  DA A "H2''" 1 
ATOM 184 H "H1'"  . DA A 1 6  ? -3.729  -6.512  -1.161  1.00 0.00 ? 6  DA A "H1'"  1 
ATOM 185 H H8     . DA A 1 6  ? -0.976  -5.718  -3.538  1.00 0.00 ? 6  DA A H8     1 
ATOM 186 H H61    . DA A 1 6  ? 0.782   -1.574  0.665   1.00 0.00 ? 6  DA A H61    1 
ATOM 187 H H62    . DA A 1 6  ? 1.132   -2.261  -0.907  1.00 0.00 ? 6  DA A H62    1 
ATOM 188 H H2     . DA A 1 6  ? -2.820  -3.676  2.226   1.00 0.00 ? 6  DA A H2     1 
ATOM 189 P P      . DA A 1 7  ? -7.230  -7.615  -2.506  1.00 0.00 ? 7  DA A P      1 
ATOM 190 O OP1    . DA A 1 7  ? -8.154  -8.756  -2.331  1.00 0.00 ? 7  DA A OP1    1 
ATOM 191 O OP2    . DA A 1 7  ? -7.330  -6.773  -3.716  1.00 0.00 ? 7  DA A OP2    1 
ATOM 192 O "O5'"  . DA A 1 7  ? -7.346  -6.669  -1.206  1.00 0.00 ? 7  DA A "O5'"  1 
ATOM 193 C "C5'"  . DA A 1 7  ? -7.138  -7.190  0.096   1.00 0.00 ? 7  DA A "C5'"  1 
ATOM 194 C "C4'"  . DA A 1 7  ? -7.173  -6.018  1.107   1.00 0.00 ? 7  DA A "C4'"  1 
ATOM 195 O "O4'"  . DA A 1 7  ? -6.139  -5.080  0.836   1.00 0.00 ? 7  DA A "O4'"  1 
ATOM 196 C "C3'"  . DA A 1 7  ? -8.494  -5.237  1.136   1.00 0.00 ? 7  DA A "C3'"  1 
ATOM 197 O "O3'"  . DA A 1 7  ? -8.837  -5.097  2.508   1.00 0.00 ? 7  DA A "O3'"  1 
ATOM 198 C "C2'"  . DA A 1 7  ? -8.081  -3.902  0.502   1.00 0.00 ? 7  DA A "C2'"  1 
ATOM 199 C "C1'"  . DA A 1 7  ? -6.646  -3.775  1.051   1.00 0.00 ? 7  DA A "C1'"  1 
ATOM 200 N N9     . DA A 1 7  ? -5.687  -2.770  0.530   1.00 0.00 ? 7  DA A N9     1 
ATOM 201 C C8     . DA A 1 7  ? -5.138  -2.735  -0.710  1.00 0.00 ? 7  DA A C8     1 
ATOM 202 N N7     . DA A 1 7  ? -4.148  -1.910  -0.884  1.00 0.00 ? 7  DA A N7     1 
ATOM 203 C C5     . DA A 1 7  ? -4.003  -1.348  0.373   1.00 0.00 ? 7  DA A C5     1 
ATOM 204 C C6     . DA A 1 7  ? -3.075  -0.425  0.895   1.00 0.00 ? 7  DA A C6     1 
ATOM 205 N N6     . DA A 1 7  ? -2.108  0.112   0.144   1.00 0.00 ? 7  DA A N6     1 
ATOM 206 N N1     . DA A 1 7  ? -3.127  -0.132  2.209   1.00 0.00 ? 7  DA A N1     1 
ATOM 207 C C2     . DA A 1 7  ? -4.043  -0.750  2.954   1.00 0.00 ? 7  DA A C2     1 
ATOM 208 N N3     . DA A 1 7  ? -4.969  -1.631  2.590   1.00 0.00 ? 7  DA A N3     1 
ATOM 209 C C4     . DA A 1 7  ? -4.908  -1.891  1.256   1.00 0.00 ? 7  DA A C4     1 
ATOM 210 H "H5'"  . DA A 1 7  ? -6.137  -7.622  0.152   1.00 0.00 ? 7  DA A "H5'"  1 
ATOM 211 H "H5''" . DA A 1 7  ? -7.861  -8.011  0.274   1.00 0.00 ? 7  DA A "H5''" 1 
ATOM 212 H "H4'"  . DA A 1 7  ? -6.947  -6.327  2.123   1.00 0.00 ? 7  DA A "H4'"  1 
ATOM 213 H "H3'"  . DA A 1 7  ? -9.310  -5.753  0.617   1.00 0.00 ? 7  DA A "H3'"  1 
ATOM 214 H "H2'"  . DA A 1 7  ? -8.062  -3.994  -0.584  1.00 0.00 ? 7  DA A "H2'"  1 
ATOM 215 H "H2''" . DA A 1 7  ? -8.809  -3.153  0.809   1.00 0.00 ? 7  DA A "H2''" 1 
ATOM 216 H "H1'"  . DA A 1 7  ? -6.703  -3.526  2.087   1.00 0.00 ? 7  DA A "H1'"  1 
ATOM 217 H H8     . DA A 1 7  ? -5.522  -3.382  -1.441  1.00 0.00 ? 7  DA A H8     1 
ATOM 218 H H61    . DA A 1 7  ? -1.443  0.757   0.545   1.00 0.00 ? 7  DA A H61    1 
ATOM 219 H H62    . DA A 1 7  ? -2.052  -0.124  -0.836  1.00 0.00 ? 7  DA A H62    1 
ATOM 220 H H2     . DA A 1 7  ? -4.016  -0.533  4.005   1.00 0.00 ? 7  DA A H2     1 
ATOM 221 P P      . DT A 1 8  ? -10.161 -4.334  3.032   1.00 0.00 ? 8  DT A P      1 
ATOM 222 O OP1    . DT A 1 8  ? -10.769 -5.125  4.124   1.00 0.00 ? 8  DT A OP1    1 
ATOM 223 O OP2    . DT A 1 8  ? -10.988 -3.924  1.876   1.00 0.00 ? 8  DT A OP2    1 
ATOM 224 O "O5'"  . DT A 1 8  ? -9.499  -3.010  3.679   1.00 0.00 ? 8  DT A "O5'"  1 
ATOM 225 C "C5'"  . DT A 1 8  ? -8.593  -3.086  4.770   1.00 0.00 ? 8  DT A "C5'"  1 
ATOM 226 C "C4'"  . DT A 1 8  ? -8.300  -1.638  5.262   1.00 0.00 ? 8  DT A "C4'"  1 
ATOM 227 O "O4'"  . DT A 1 8  ? -7.528  -0.908  4.323   1.00 0.00 ? 8  DT A "O4'"  1 
ATOM 228 C "C3'"  . DT A 1 8  ? -9.567  -0.818  5.509   1.00 0.00 ? 8  DT A "C3'"  1 
ATOM 229 O "O3'"  . DT A 1 8  ? -9.487  -0.251  6.817   1.00 0.00 ? 8  DT A "O3'"  1 
ATOM 230 C "C2'"  . DT A 1 8  ? -9.516  0.236   4.416   1.00 0.00 ? 8  DT A "C2'"  1 
ATOM 231 C "C1'"  . DT A 1 8  ? -7.988  0.435   4.252   1.00 0.00 ? 8  DT A "C1'"  1 
ATOM 232 N N1     . DT A 1 8  ? -7.391  0.985   2.978   1.00 0.00 ? 8  DT A N1     1 
ATOM 233 C C2     . DT A 1 8  ? -6.391  1.960   3.100   1.00 0.00 ? 8  DT A C2     1 
ATOM 234 O O2     . DT A 1 8  ? -6.146  2.555   4.147   1.00 0.00 ? 8  DT A O2     1 
ATOM 235 N N3     . DT A 1 8  ? -5.647  2.244   1.962   1.00 0.00 ? 8  DT A N3     1 
ATOM 236 C C4     . DT A 1 8  ? -5.756  1.602   0.737   1.00 0.00 ? 8  DT A C4     1 
ATOM 237 O O4     . DT A 1 8  ? -4.996  1.907   -0.178  1.00 0.00 ? 8  DT A O4     1 
ATOM 238 C C5     . DT A 1 8  ? -6.801  0.599   0.654   1.00 0.00 ? 8  DT A C5     1 
ATOM 239 C C7     . DT A 1 8  ? -6.975  -0.103  -0.717  1.00 0.00 ? 8  DT A C7     1 
ATOM 240 C C6     . DT A 1 8  ? -7.576  0.340   1.764   1.00 0.00 ? 8  DT A C6     1 
ATOM 241 H "H5'"  . DT A 1 8  ? -7.654  -3.517  4.421   1.00 0.00 ? 8  DT A "H5'"  1 
ATOM 242 H "H5''" . DT A 1 8  ? -9.011  -3.784  5.527   1.00 0.00 ? 8  DT A "H5''" 1 
ATOM 243 H "H4'"  . DT A 1 8  ? -7.686  -1.583  6.155   1.00 0.00 ? 8  DT A "H4'"  1 
ATOM 244 H "H3'"  . DT A 1 8  ? -10.465 -1.418  5.376   1.00 0.00 ? 8  DT A "H3'"  1 
ATOM 245 H "H2'"  . DT A 1 8  ? -9.970  -0.197  3.522   1.00 0.00 ? 8  DT A "H2'"  1 
ATOM 246 H "H2''" . DT A 1 8  ? -10.135 1.031   4.844   1.00 0.00 ? 8  DT A "H2''" 1 
ATOM 247 H "H1'"  . DT A 1 8  ? -7.649  1.030   5.112   1.00 0.00 ? 8  DT A "H1'"  1 
ATOM 248 H H3     . DT A 1 8  ? -4.966  2.995   2.028   1.00 0.00 ? 8  DT A H3     1 
ATOM 249 H H71    . DT A 1 8  ? -7.406  -1.093  -0.586  1.00 0.00 ? 8  DT A H71    1 
ATOM 250 H H72    . DT A 1 8  ? -7.666  0.490   -1.315  1.00 0.00 ? 8  DT A H72    1 
ATOM 251 H H73    . DT A 1 8  ? -6.033  -0.166  -1.258  1.00 0.00 ? 8  DT A H73    1 
ATOM 252 H H6     . DT A 1 8  ? -8.404  -0.354  1.777   1.00 0.00 ? 8  DT A H6     1 
ATOM 253 P P      . DT A 1 9  ? -10.642 0.683   7.476   1.00 0.00 ? 9  DT A P      1 
ATOM 254 O OP1    . DT A 1 9  ? -10.623 0.423   8.932   1.00 0.00 ? 9  DT A OP1    1 
ATOM 255 O OP2    . DT A 1 9  ? -11.898 0.448   6.733   1.00 0.00 ? 9  DT A OP2    1 
ATOM 256 O "O5'"  . DT A 1 9  ? -10.140 2.208   7.203   1.00 0.00 ? 9  DT A "O5'"  1 
ATOM 257 C "C5'"  . DT A 1 9  ? -9.060  2.759   7.939   1.00 0.00 ? 9  DT A "C5'"  1 
ATOM 258 C "C4'"  . DT A 1 9  ? -8.617  4.169   7.420   1.00 0.00 ? 9  DT A "C4'"  1 
ATOM 259 O "O4'"  . DT A 1 9  ? -8.159  4.154   6.070   1.00 0.00 ? 9  DT A "O4'"  1 
ATOM 260 C "C3'"  . DT A 1 9  ? -9.618  5.340   7.500   1.00 0.00 ? 9  DT A "C3'"  1 
ATOM 261 O "O3'"  . DT A 1 9  ? -9.001  6.351   8.283   1.00 0.00 ? 9  DT A "O3'"  1 
ATOM 262 C "C2'"  . DT A 1 9  ? -9.828  5.750   6.040   1.00 0.00 ? 9  DT A "C2'"  1 
ATOM 263 C "C1'"  . DT A 1 9  ? -8.442  5.413   5.455   1.00 0.00 ? 9  DT A "C1'"  1 
ATOM 264 N N1     . DT A 1 9  ? -8.276  5.307   3.962   1.00 0.00 ? 9  DT A N1     1 
ATOM 265 C C2     . DT A 1 9  ? -7.289  6.068   3.326   1.00 0.00 ? 9  DT A C2     1 
ATOM 266 O O2     . DT A 1 9  ? -6.686  6.997   3.864   1.00 0.00 ? 9  DT A O2     1 
ATOM 267 N N3     . DT A 1 9  ? -6.999  5.725   2.012   1.00 0.00 ? 9  DT A N3     1 
ATOM 268 C C4     . DT A 1 9  ? -7.592  4.712   1.272   1.00 0.00 ? 9  DT A C4     1 
ATOM 269 O O4     . DT A 1 9  ? -7.227  4.507   0.118   1.00 0.00 ? 9  DT A O4     1 
ATOM 270 C C5     . DT A 1 9  ? -8.622  3.966   1.975   1.00 0.00 ? 9  DT A C5     1 
ATOM 271 C C7     . DT A 1 9  ? -9.327  2.828   1.203   1.00 0.00 ? 9  DT A C7     1 
ATOM 272 C C6     . DT A 1 9  ? -8.910  4.300   3.276   1.00 0.00 ? 9  DT A C6     1 
ATOM 273 H "H5'"  . DT A 1 9  ? -8.199  2.104   7.798   1.00 0.00 ? 9  DT A "H5'"  1 
ATOM 274 H "H5''" . DT A 1 9  ? -9.333  2.695   9.015   1.00 0.00 ? 9  DT A "H5''" 1 
ATOM 275 H "H4'"  . DT A 1 9  ? -7.734  4.463   7.986   1.00 0.00 ? 9  DT A "H4'"  1 
ATOM 276 H "H3'"  . DT A 1 9  ? -10.562 5.000   7.917   1.00 0.00 ? 9  DT A "H3'"  1 
ATOM 277 H "H2'"  . DT A 1 9  ? -10.694 5.116   5.793   1.00 0.00 ? 9  DT A "H2'"  1 
ATOM 278 H "H2''" . DT A 1 9  ? -10.058 6.809   5.865   1.00 0.00 ? 9  DT A "H2''" 1 
ATOM 279 H "H1'"  . DT A 1 9  ? -7.780  6.221   5.800   1.00 0.00 ? 9  DT A "H1'"  1 
ATOM 280 H H3     . DT A 1 9  ? -6.280  6.266   1.548   1.00 0.00 ? 9  DT A H3     1 
ATOM 281 H H71    . DT A 1 9  ? -8.691  2.422   0.420   1.00 0.00 ? 9  DT A H71    1 
ATOM 282 H H72    . DT A 1 9  ? -9.647  2.044   1.887   1.00 0.00 ? 9  DT A H72    1 
ATOM 283 H H73    . DT A 1 9  ? -10.217 3.244   0.728   1.00 0.00 ? 9  DT A H73    1 
ATOM 284 H H6     . DT A 1 9  ? -9.616  3.815   3.910   1.00 0.00 ? 9  DT A H6     1 
ATOM 285 P P      . DA A 1 10 ? -9.674  7.776   8.642   1.00 0.00 ? 10 DA A P      1 
ATOM 286 O OP1    . DA A 1 10 ? -9.551  7.998   10.099  1.00 0.00 ? 10 DA A OP1    1 
ATOM 287 O OP2    . DA A 1 10 ? -11.000 7.869   7.991   1.00 0.00 ? 10 DA A OP2    1 
ATOM 288 O "O5'"  . DA A 1 10 ? -8.656  8.781   7.878   1.00 0.00 ? 10 DA A "O5'"  1 
ATOM 289 C "C5'"  . DA A 1 10 ? -7.256  8.707   8.097   1.00 0.00 ? 10 DA A "C5'"  1 
ATOM 290 C "C4'"  . DA A 1 10 ? -6.478  9.807   7.352   1.00 0.00 ? 10 DA A "C4'"  1 
ATOM 291 O "O4'"  . DA A 1 10 ? -6.714  9.737   5.938   1.00 0.00 ? 10 DA A "O4'"  1 
ATOM 292 C "C3'"  . DA A 1 10 ? -6.836  11.220  7.835   1.00 0.00 ? 10 DA A "C3'"  1 
ATOM 293 O "O3'"  . DA A 1 10 ? -5.680  12.036  7.719   1.00 0.00 ? 10 DA A "O3'"  1 
ATOM 294 C "C2'"  . DA A 1 10 ? -7.865  11.601  6.760   1.00 0.00 ? 10 DA A "C2'"  1 
ATOM 295 C "C1'"  . DA A 1 10 ? -7.300  10.949  5.471   1.00 0.00 ? 10 DA A "C1'"  1 
ATOM 296 N N9     . DA A 1 10 ? -8.172  10.747  4.279   1.00 0.00 ? 10 DA A N9     1 
ATOM 297 C C8     . DA A 1 10 ? -9.282  9.968   4.195   1.00 0.00 ? 10 DA A C8     1 
ATOM 298 N N7     . DA A 1 10 ? -9.831  9.878   3.019   1.00 0.00 ? 10 DA A N7     1 
ATOM 299 C C5     . DA A 1 10 ? -8.986  10.633  2.224   1.00 0.00 ? 10 DA A C5     1 
ATOM 300 C C6     . DA A 1 10 ? -8.980  10.902  0.838   1.00 0.00 ? 10 DA A C6     1 
ATOM 301 N N6     . DA A 1 10 ? -9.973  10.512  0.032   1.00 0.00 ? 10 DA A N6     1 
ATOM 302 N N1     . DA A 1 10 ? -7.927  11.552  0.308   1.00 0.00 ? 10 DA A N1     1 
ATOM 303 C C2     . DA A 1 10 ? -6.956  11.953  1.128   1.00 0.00 ? 10 DA A C2     1 
ATOM 304 N N3     . DA A 1 10 ? -6.865  11.803  2.453   1.00 0.00 ? 10 DA A N3     1 
ATOM 305 C C4     . DA A 1 10 ? -7.931  11.120  2.961   1.00 0.00 ? 10 DA A C4     1 
ATOM 306 H "H5'"  . DA A 1 10 ? -6.891  7.744   7.737   1.00 0.00 ? 10 DA A "H5'"  1 
ATOM 307 H "H5''" . DA A 1 10 ? -7.051  8.767   9.170   1.00 0.00 ? 10 DA A "H5''" 1 
ATOM 308 H "H4'"  . DA A 1 10 ? -5.420  9.623   7.545   1.00 0.00 ? 10 DA A "H4'"  1 
ATOM 309 H "H3'"  . DA A 1 10 ? -7.162  11.250  8.900   1.00 0.00 ? 10 DA A "H3'"  1 
ATOM 310 H "H2'"  . DA A 1 10 ? -8.834  11.191  7.040   1.00 0.00 ? 10 DA A "H2'"  1 
ATOM 311 H "H2''" . DA A 1 10 ? -7.935  12.680  6.723   1.00 0.00 ? 10 DA A "H2''" 1 
ATOM 312 H "H1'"  . DA A 1 10 ? -6.562  11.581  5.012   1.00 0.00 ? 10 DA A "H1'"  1 
ATOM 313 H H8     . DA A 1 10 ? -9.622  9.462   5.056   1.00 0.00 ? 10 DA A H8     1 
ATOM 314 H H61    . DA A 1 10 ? -9.932  10.692  -0.961  1.00 0.00 ? 10 DA A H61    1 
ATOM 315 H H62    . DA A 1 10 ? -10.760 10.012  0.420   1.00 0.00 ? 10 DA A H62    1 
ATOM 316 H H2     . DA A 1 10 ? -6.146  12.482  0.648   1.00 0.00 ? 10 DA A H2     1 
ATOM 317 P P      . DA A 1 11 ? -5.668  13.602  8.146   1.00 0.00 ? 11 DA A P      1 
ATOM 318 O OP1    . DA A 1 11 ? -4.373  13.883  8.805   1.00 0.00 ? 11 DA A OP1    1 
ATOM 319 O OP2    . DA A 1 11 ? -6.928  13.919  8.853   1.00 0.00 ? 11 DA A OP2    1 
ATOM 320 O "O5'"  . DA A 1 11 ? -5.686  14.353  6.711   1.00 0.00 ? 11 DA A "O5'"  1 
ATOM 321 C "C5'"  . DA A 1 11 ? -4.591  14.206  5.829   1.00 0.00 ? 11 DA A "C5'"  1 
ATOM 322 C "C4'"  . DA A 1 11 ? -4.699  15.032  4.538   1.00 0.00 ? 11 DA A "C4'"  1 
ATOM 323 O "O4'"  . DA A 1 11 ? -5.737  14.570  3.672   1.00 0.00 ? 11 DA A "O4'"  1 
ATOM 324 C "C3'"  . DA A 1 11 ? -4.933  16.536  4.741   1.00 0.00 ? 11 DA A "C3'"  1 
ATOM 325 O "O3'"  . DA A 1 11 ? -4.048  17.181  3.832   1.00 0.00 ? 11 DA A "O3'"  1 
ATOM 326 C "C2'"  . DA A 1 11 ? -6.411  16.753  4.365   1.00 0.00 ? 11 DA A "C2'"  1 
ATOM 327 C "C1'"  . DA A 1 11 ? -6.615  15.640  3.322   1.00 0.00 ? 11 DA A "C1'"  1 
ATOM 328 N N9     . DA A 1 11 ? -7.924  15.157  2.807   1.00 0.00 ? 11 DA A N9     1 
ATOM 329 C C8     . DA A 1 11 ? -9.005  14.689  3.473   1.00 0.00 ? 11 DA A C8     1 
ATOM 330 N N7     . DA A 1 11 ? -9.980  14.222  2.742   1.00 0.00 ? 11 DA A N7     1 
ATOM 331 C C5     . DA A 1 11 ? -9.503  14.390  1.450   1.00 0.00 ? 11 DA A C5     1 
ATOM 332 C C6     . DA A 1 11 ? -10.053 14.171  0.165   1.00 0.00 ? 11 DA A C6     1 
ATOM 333 N N6     . DA A 1 11 ? -11.300 13.752  -0.076  1.00 0.00 ? 11 DA A N6     1 
ATOM 334 N N1     . DA A 1 11 ? -9.308  14.487  -0.909  1.00 0.00 ? 11 DA A N1     1 
ATOM 335 C C2     . DA A 1 11 ? -8.086  14.975  -0.722  1.00 0.00 ? 11 DA A C2     1 
ATOM 336 N N3     . DA A 1 11 ? -7.467  15.245  0.415   1.00 0.00 ? 11 DA A N3     1 
ATOM 337 C C4     . DA A 1 11 ? -8.244  14.943  1.485   1.00 0.00 ? 11 DA A C4     1 
ATOM 338 H "H5'"  . DA A 1 11 ? -4.498  13.155  5.551   1.00 0.00 ? 11 DA A "H5'"  1 
ATOM 339 H "H5''" . DA A 1 11 ? -3.677  14.499  6.354   1.00 0.00 ? 11 DA A "H5''" 1 
ATOM 340 H "H4'"  . DA A 1 11 ? -3.716  14.861  4.078   1.00 0.00 ? 11 DA A "H4'"  1 
ATOM 341 H "H3'"  . DA A 1 11 ? -4.702  16.856  5.761   1.00 0.00 ? 11 DA A "H3'"  1 
ATOM 342 H "H2'"  . DA A 1 11 ? -7.067  16.601  5.222   1.00 0.00 ? 11 DA A "H2'"  1 
ATOM 343 H "H2''" . DA A 1 11 ? -6.484  17.783  3.982   1.00 0.00 ? 11 DA A "H2''" 1 
ATOM 344 H "H1'"  . DA A 1 11 ? -6.380  16.158  2.430   1.00 0.00 ? 11 DA A "H1'"  1 
ATOM 345 H H8     . DA A 1 11 ? -8.987  14.732  4.518   1.00 0.00 ? 11 DA A H8     1 
ATOM 346 H H61    . DA A 1 11 ? -11.664 13.944  -0.998  1.00 0.00 ? 11 DA A H61    1 
ATOM 347 H H62    . DA A 1 11 ? -11.676 12.917  0.357   1.00 0.00 ? 11 DA A H62    1 
ATOM 348 H H2     . DA A 1 11 ? -7.521  15.229  -1.596  1.00 0.00 ? 11 DA A H2     1 
ATOM 349 P P      . DG A 1 12 ? -3.921  18.786  3.671   1.00 0.00 ? 12 DG A P      1 
ATOM 350 O OP1    . DG A 1 12 ? -2.495  19.132  3.466   1.00 0.00 ? 12 DG A OP1    1 
ATOM 351 O OP2    . DG A 1 12 ? -4.675  19.451  4.755   1.00 0.00 ? 12 DG A OP2    1 
ATOM 352 O "O5'"  . DG A 1 12 ? -4.706  19.021  2.274   1.00 0.00 ? 12 DG A "O5'"  1 
ATOM 353 C "C5'"  . DG A 1 12 ? -4.202  18.480  1.064   1.00 0.00 ? 12 DG A "C5'"  1 
ATOM 354 C "C4'"  . DG A 1 12 ? -5.027  18.865  -0.181  1.00 0.00 ? 12 DG A "C4'"  1 
ATOM 355 O "O4'"  . DG A 1 12 ? -6.267  18.146  -0.239  1.00 0.00 ? 12 DG A "O4'"  1 
ATOM 356 C "C3'"  . DG A 1 12 ? -5.390  20.357  -0.231  1.00 0.00 ? 12 DG A "C3'"  1 
ATOM 357 O "O3'"  . DG A 1 12 ? -5.418  20.798  -1.572  1.00 0.00 ? 12 DG A "O3'"  1 
ATOM 358 C "C2'"  . DG A 1 12 ? -6.814  20.362  0.333   1.00 0.00 ? 12 DG A "C2'"  1 
ATOM 359 C "C1'"  . DG A 1 12 ? -7.364  19.059  -0.276  1.00 0.00 ? 12 DG A "C1'"  1 
ATOM 360 N N9     . DG A 1 12 ? -8.646  18.467  0.180   1.00 0.00 ? 12 DG A N9     1 
ATOM 361 C C8     . DG A 1 12 ? -9.195  18.426  1.427   1.00 0.00 ? 12 DG A C8     1 
ATOM 362 N N7     . DG A 1 12 ? -10.367 17.865  1.500   1.00 0.00 ? 12 DG A N7     1 
ATOM 363 C C5     . DG A 1 12 ? -10.635 17.505  0.188   1.00 0.00 ? 12 DG A C5     1 
ATOM 364 C C6     . DG A 1 12 ? -11.786 16.867  -0.363  1.00 0.00 ? 12 DG A C6     1 
ATOM 365 O O6     . DG A 1 12 ? -12.801 16.506  0.226   1.00 0.00 ? 12 DG A O6     1 
ATOM 366 N N1     . DG A 1 12 ? -11.667 16.647  -1.733  1.00 0.00 ? 12 DG A N1     1 
ATOM 367 C C2     . DG A 1 12 ? -10.572 17.019  -2.492  1.00 0.00 ? 12 DG A C2     1 
ATOM 368 N N2     . DG A 1 12 ? -10.618 16.733  -3.799  1.00 0.00 ? 12 DG A N2     1 
ATOM 369 N N3     . DG A 1 12 ? -9.504  17.652  -1.978  1.00 0.00 ? 12 DG A N3     1 
ATOM 370 C C4     . DG A 1 12 ? -9.589  17.860  -0.631  1.00 0.00 ? 12 DG A C4     1 
ATOM 371 H "H5'"  . DG A 1 12 ? -4.175  17.392  1.132   1.00 0.00 ? 12 DG A "H5'"  1 
ATOM 372 H "H5''" . DG A 1 12 ? -3.174  18.834  0.931   1.00 0.00 ? 12 DG A "H5''" 1 
ATOM 373 H "H4'"  . DG A 1 12 ? -4.378  18.595  -1.025  1.00 0.00 ? 12 DG A "H4'"  1 
ATOM 374 H "H3'"  . DG A 1 12 ? -4.687  20.977  0.338   1.00 0.00 ? 12 DG A "H3'"  1 
ATOM 375 H "HO3'" . DG A 1 12 ? -5.695  21.717  -1.585  1.00 0.00 ? 12 DG A "HO3'" 1 
ATOM 376 H "H2'"  . DG A 1 12 ? -6.710  20.351  1.415   1.00 0.00 ? 12 DG A "H2'"  1 
ATOM 377 H "H2''" . DG A 1 12 ? -7.384  21.238  0.021   1.00 0.00 ? 12 DG A "H2''" 1 
ATOM 378 H "H1'"  . DG A 1 12 ? -7.683  19.319  -1.275  1.00 0.00 ? 12 DG A "H1'"  1 
ATOM 379 H H8     . DG A 1 12 ? -8.701  18.840  2.266   1.00 0.00 ? 12 DG A H8     1 
ATOM 380 H H1     . DG A 1 12 ? -12.433 16.159  -2.181  1.00 0.00 ? 12 DG A H1     1 
ATOM 381 H H21    . DG A 1 12 ? -11.428 16.266  -4.190  1.00 0.00 ? 12 DG A H21    1 
ATOM 382 H H22    . DG A 1 12 ? -9.836  16.977  -4.388  1.00 0.00 ? 12 DG A H22    1 
ATOM 383 O "O5'"  . DC B 2 1  ? -19.450 13.862  -5.854  1.00 0.00 ? 1  DC B "O5'"  1 
ATOM 384 C "C5'"  . DC B 2 1  ? -19.245 15.185  -6.315  1.00 0.00 ? 1  DC B "C5'"  1 
ATOM 385 C "C4'"  . DC B 2 1  ? -17.718 15.445  -6.465  1.00 0.00 ? 1  DC B "C4'"  1 
ATOM 386 O "O4'"  . DC B 2 1  ? -17.060 15.318  -5.218  1.00 0.00 ? 1  DC B "O4'"  1 
ATOM 387 C "C3'"  . DC B 2 1  ? -17.002 14.501  -7.439  1.00 0.00 ? 1  DC B "C3'"  1 
ATOM 388 O "O3'"  . DC B 2 1  ? -16.333 15.305  -8.410  1.00 0.00 ? 1  DC B "O3'"  1 
ATOM 389 C "C2'"  . DC B 2 1  ? -16.049 13.710  -6.551  1.00 0.00 ? 1  DC B "C2'"  1 
ATOM 390 C "C1'"  . DC B 2 1  ? -15.784 14.728  -5.409  1.00 0.00 ? 1  DC B "C1'"  1 
ATOM 391 N N1     . DC B 2 1  ? -15.300 14.298  -4.055  1.00 0.00 ? 1  DC B N1     1 
ATOM 392 C C2     . DC B 2 1  ? -14.129 14.881  -3.542  1.00 0.00 ? 1  DC B C2     1 
ATOM 393 O O2     . DC B 2 1  ? -13.322 15.478  -4.253  1.00 0.00 ? 1  DC B O2     1 
ATOM 394 N N3     . DC B 2 1  ? -13.872 14.782  -2.207  1.00 0.00 ? 1  DC B N3     1 
ATOM 395 C C4     . DC B 2 1  ? -14.712 14.152  -1.377  1.00 0.00 ? 1  DC B C4     1 
ATOM 396 N N4     . DC B 2 1  ? -14.421 14.113  -0.073  1.00 0.00 ? 1  DC B N4     1 
ATOM 397 C C5     . DC B 2 1  ? -15.910 13.536  -1.864  1.00 0.00 ? 1  DC B C5     1 
ATOM 398 C C6     . DC B 2 1  ? -16.152 13.638  -3.199  1.00 0.00 ? 1  DC B C6     1 
ATOM 399 H "H5'"  . DC B 2 1  ? -19.629 15.866  -5.555  1.00 0.00 ? 1  DC B "H5'"  1 
ATOM 400 H "H5''" . DC B 2 1  ? -19.864 15.322  -7.223  1.00 0.00 ? 1  DC B "H5''" 1 
ATOM 401 H "H4'"  . DC B 2 1  ? -17.489 16.467  -6.759  1.00 0.00 ? 1  DC B "H4'"  1 
ATOM 402 H "H3'"  . DC B 2 1  ? -17.733 13.795  -7.840  1.00 0.00 ? 1  DC B "H3'"  1 
ATOM 403 H "H2'"  . DC B 2 1  ? -16.711 12.865  -6.312  1.00 0.00 ? 1  DC B "H2'"  1 
ATOM 404 H "H2''" . DC B 2 1  ? -15.155 13.399  -7.122  1.00 0.00 ? 1  DC B "H2''" 1 
ATOM 405 H "H1'"  . DC B 2 1  ? -15.057 15.456  -5.776  1.00 0.00 ? 1  DC B "H1'"  1 
ATOM 406 H H41    . DC B 2 1  ? -13.610 14.615  0.265   1.00 0.00 ? 1  DC B H41    1 
ATOM 407 H H42    . DC B 2 1  ? -15.035 13.644  0.575   1.00 0.00 ? 1  DC B H42    1 
ATOM 408 H H5     . DC B 2 1  ? -16.594 13.013  -1.206  1.00 0.00 ? 1  DC B H5     1 
ATOM 409 H H6     . DC B 2 1  ? -17.033 13.184  -3.613  1.00 0.00 ? 1  DC B H6     1 
ATOM 410 H "HO5'" . DC B 2 1  ? -20.385 13.659  -5.905  1.00 0.00 ? 1  DC B "HO5'" 1 
ATOM 411 P P      . DT B 2 2  ? -15.455 14.715  -9.639  1.00 0.00 ? 2  DT B P      1 
ATOM 412 O OP1    . DT B 2 2  ? -15.419 15.738  -10.708 1.00 0.00 ? 2  DT B OP1    1 
ATOM 413 O OP2    . DT B 2 2  ? -15.940 13.351  -9.945  1.00 0.00 ? 2  DT B OP2    1 
ATOM 414 O "O5'"  . DT B 2 2  ? -13.961 14.594  -9.014  1.00 0.00 ? 2  DT B "O5'"  1 
ATOM 415 C "C5'"  . DT B 2 2  ? -13.164 15.746  -8.792  1.00 0.00 ? 2  DT B "C5'"  1 
ATOM 416 C "C4'"  . DT B 2 2  ? -11.799 15.374  -8.130  1.00 0.00 ? 2  DT B "C4'"  1 
ATOM 417 O "O4'"  . DT B 2 2  ? -11.939 14.882  -6.799  1.00 0.00 ? 2  DT B "O4'"  1 
ATOM 418 C "C3'"  . DT B 2 2  ? -10.947 14.332  -8.874  1.00 0.00 ? 2  DT B "C3'"  1 
ATOM 419 O "O3'"  . DT B 2 2  ? -9.723  14.941  -9.267  1.00 0.00 ? 2  DT B "O3'"  1 
ATOM 420 C "C2'"  . DT B 2 2  ? -10.737 13.215  -7.846  1.00 0.00 ? 2  DT B "C2'"  1 
ATOM 421 C "C1'"  . DT B 2 2  ? -10.887 13.963  -6.502  1.00 0.00 ? 2  DT B "C1'"  1 
ATOM 422 N N1     . DT B 2 2  ? -11.205 13.207  -5.237  1.00 0.00 ? 2  DT B N1     1 
ATOM 423 C C2     . DT B 2 2  ? -10.379 13.364  -4.123  1.00 0.00 ? 2  DT B C2     1 
ATOM 424 O O2     . DT B 2 2  ? -9.272  13.892  -4.170  1.00 0.00 ? 2  DT B O2     1 
ATOM 425 N N3     . DT B 2 2  ? -10.847 12.863  -2.917  1.00 0.00 ? 2  DT B N3     1 
ATOM 426 C C4     . DT B 2 2  ? -12.053 12.205  -2.705  1.00 0.00 ? 2  DT B C4     1 
ATOM 427 O O4     . DT B 2 2  ? -12.357 11.838  -1.568  1.00 0.00 ? 2  DT B O4     1 
ATOM 428 C C5     . DT B 2 2  ? -12.853 12.042  -3.911  1.00 0.00 ? 2  DT B C5     1 
ATOM 429 C C7     . DT B 2 2  ? -14.213 11.341  -3.826  1.00 0.00 ? 2  DT B C7     1 
ATOM 430 C C6     . DT B 2 2  ? -12.393 12.540  -5.097  1.00 0.00 ? 2  DT B C6     1 
ATOM 431 H "H5'"  . DT B 2 2  ? -13.691 16.397  -8.094  1.00 0.00 ? 2  DT B "H5'"  1 
ATOM 432 H "H5''" . DT B 2 2  ? -13.097 16.290  -9.757  1.00 0.00 ? 2  DT B "H5''" 1 
ATOM 433 H "H4'"  . DT B 2 2  ? -11.203 16.281  -8.025  1.00 0.00 ? 2  DT B "H4'"  1 
ATOM 434 H "H3'"  . DT B 2 2  ? -11.486 13.937  -9.737  1.00 0.00 ? 2  DT B "H3'"  1 
ATOM 435 H "H2'"  . DT B 2 2  ? -11.604 12.553  -8.010  1.00 0.00 ? 2  DT B "H2'"  1 
ATOM 436 H "H2''" . DT B 2 2  ? -9.740  12.748  -8.029  1.00 0.00 ? 2  DT B "H2''" 1 
ATOM 437 H "H1'"  . DT B 2 2  ? -9.940  14.457  -6.311  1.00 0.00 ? 2  DT B "H1'"  1 
ATOM 438 H H3     . DT B 2 2  ? -10.250 13.027  -2.116  1.00 0.00 ? 2  DT B H3     1 
ATOM 439 H H71    . DT B 2 2  ? -14.900 11.720  -4.581  1.00 0.00 ? 2  DT B H71    1 
ATOM 440 H H72    . DT B 2 2  ? -14.055 10.281  -4.021  1.00 0.00 ? 2  DT B H72    1 
ATOM 441 H H73    . DT B 2 2  ? -14.641 11.432  -2.830  1.00 0.00 ? 2  DT B H73    1 
ATOM 442 H H6     . DT B 2 2  ? -12.916 12.428  -6.011  1.00 0.00 ? 2  DT B H6     1 
ATOM 443 P P      . DT B 2 3  ? -8.559  14.160  -10.084 1.00 0.00 ? 3  DT B P      1 
ATOM 444 O OP1    . DT B 2 3  ? -7.978  15.093  -11.075 1.00 0.00 ? 3  DT B OP1    1 
ATOM 445 O OP2    . DT B 2 3  ? -9.079  12.853  -10.534 1.00 0.00 ? 3  DT B OP2    1 
ATOM 446 O "O5'"  . DT B 2 3  ? -7.454  13.865  -8.934  1.00 0.00 ? 3  DT B "O5'"  1 
ATOM 447 C "C5'"  . DT B 2 3  ? -6.795  14.916  -8.253  1.00 0.00 ? 3  DT B "C5'"  1 
ATOM 448 C "C4'"  . DT B 2 3  ? -5.913  14.353  -7.102  1.00 0.00 ? 3  DT B "C4'"  1 
ATOM 449 O "O4'"  . DT B 2 3  ? -6.697  13.705  -6.107  1.00 0.00 ? 3  DT B "O4'"  1 
ATOM 450 C "C3'"  . DT B 2 3  ? -4.809  13.353  -7.479  1.00 0.00 ? 3  DT B "C3'"  1 
ATOM 451 O "O3'"  . DT B 2 3  ? -3.565  13.915  -7.093  1.00 0.00 ? 3  DT B "O3'"  1 
ATOM 452 C "C2'"  . DT B 2 3  ? -5.151  12.093  -6.670  1.00 0.00 ? 3  DT B "C2'"  1 
ATOM 453 C "C1'"  . DT B 2 3  ? -5.941  12.668  -5.485  1.00 0.00 ? 3  DT B "C1'"  1 
ATOM 454 N N1     . DT B 2 3  ? -6.896  11.734  -4.794  1.00 0.00 ? 3  DT B N1     1 
ATOM 455 C C2     . DT B 2 3  ? -6.809  11.606  -3.401  1.00 0.00 ? 3  DT B C2     1 
ATOM 456 O O2     . DT B 2 3  ? -5.868  12.037  -2.736  1.00 0.00 ? 3  DT B O2     1 
ATOM 457 N N3     . DT B 2 3  ? -7.858  10.953  -2.764  1.00 0.00 ? 3  DT B N3     1 
ATOM 458 C C4     . DT B 2 3  ? -8.967  10.399  -3.391  1.00 0.00 ? 3  DT B C4     1 
ATOM 459 O O4     . DT B 2 3  ? -9.811  9.801   -2.728  1.00 0.00 ? 3  DT B O4     1 
ATOM 460 C C5     . DT B 2 3  ? -9.029  10.613  -4.828  1.00 0.00 ? 3  DT B C5     1 
ATOM 461 C C7     . DT B 2 3  ? -10.302 10.192  -5.576  1.00 0.00 ? 3  DT B C7     1 
ATOM 462 C C6     . DT B 2 3  ? -8.002  11.249  -5.465  1.00 0.00 ? 3  DT B C6     1 
ATOM 463 H "H5'"  . DT B 2 3  ? -7.555  15.545  -7.784  1.00 0.00 ? 3  DT B "H5'"  1 
ATOM 464 H "H5''" . DT B 2 3  ? -6.266  15.532  -9.006  1.00 0.00 ? 3  DT B "H5''" 1 
ATOM 465 H "H4'"  . DT B 2 3  ? -5.439  15.183  -6.579  1.00 0.00 ? 3  DT B "H4'"  1 
ATOM 466 H "H3'"  . DT B 2 3  ? -4.815  13.148  -8.550  1.00 0.00 ? 3  DT B "H3'"  1 
ATOM 467 H "H2'"  . DT B 2 3  ? -5.808  11.493  -7.306  1.00 0.00 ? 3  DT B "H2'"  1 
ATOM 468 H "H2''" . DT B 2 3  ? -4.244  11.543  -6.367  1.00 0.00 ? 3  DT B "H2''" 1 
ATOM 469 H "H1'"  . DT B 2 3  ? -5.208  13.057  -4.765  1.00 0.00 ? 3  DT B "H1'"  1 
ATOM 470 H H3     . DT B 2 3  ? -7.821  10.918  -1.750  1.00 0.00 ? 3  DT B H3     1 
ATOM 471 H H71    . DT B 2 3  ? -10.514 10.879  -6.393  1.00 0.00 ? 3  DT B H71    1 
ATOM 472 H H72    . DT B 2 3  ? -10.138 9.200   -5.998  1.00 0.00 ? 3  DT B H72    1 
ATOM 473 H H73    . DT B 2 3  ? -11.154 10.136  -4.901  1.00 0.00 ? 3  DT B H73    1 
ATOM 474 H H6     . DT B 2 3  ? -8.026  11.413  -6.530  1.00 0.00 ? 3  DT B H6     1 
ATOM 475 P P      . DA B 2 4  ? -2.150  13.167  -7.305  1.00 0.00 ? 4  DA B P      1 
ATOM 476 O OP1    . DA B 2 4  ? -1.123  14.193  -7.593  1.00 0.00 ? 4  DA B OP1    1 
ATOM 477 O OP2    . DA B 2 4  ? -2.352  12.042  -8.250  1.00 0.00 ? 4  DA B OP2    1 
ATOM 478 O "O5'"  . DA B 2 4  ? -1.890  12.577  -5.817  1.00 0.00 ? 4  DA B "O5'"  1 
ATOM 479 C "C5'"  . DA B 2 4  ? -1.807  13.454  -4.705  1.00 0.00 ? 4  DA B "C5'"  1 
ATOM 480 C "C4'"  . DA B 2 4  ? -1.657  12.708  -3.356  1.00 0.00 ? 4  DA B "C4'"  1 
ATOM 481 O "O4'"  . DA B 2 4  ? -2.804  11.909  -3.038  1.00 0.00 ? 4  DA B "O4'"  1 
ATOM 482 C "C3'"  . DA B 2 4  ? -0.421  11.798  -3.252  1.00 0.00 ? 4  DA B "C3'"  1 
ATOM 483 O "O3'"  . DA B 2 4  ? 0.212   12.072  -2.018  1.00 0.00 ? 4  DA B "O3'"  1 
ATOM 484 C "C2'"  . DA B 2 4  ? -1.076  10.403  -3.240  1.00 0.00 ? 4  DA B "C2'"  1 
ATOM 485 C "C1'"  . DA B 2 4  ? -2.383  10.671  -2.467  1.00 0.00 ? 4  DA B "C1'"  1 
ATOM 486 N N9     . DA B 2 4  ? -3.460  9.650   -2.411  1.00 0.00 ? 4  DA B N9     1 
ATOM 487 C C8     . DA B 2 4  ? -4.216  9.243   -3.451  1.00 0.00 ? 4  DA B C8     1 
ATOM 488 N N7     . DA B 2 4  ? -5.230  8.478   -3.178  1.00 0.00 ? 4  DA B N7     1 
ATOM 489 C C5     . DA B 2 4  ? -5.165  8.386   -1.798  1.00 0.00 ? 4  DA B C5     1 
ATOM 490 C C6     . DA B 2 4  ? -5.989  7.734   -0.860  1.00 0.00 ? 4  DA B C6     1 
ATOM 491 N N6     . DA B 2 4  ? -7.067  7.028   -1.219  1.00 0.00 ? 4  DA B N6     1 
ATOM 492 N N1     . DA B 2 4  ? -5.674  7.827   0.444   1.00 0.00 ? 4  DA B N1     1 
ATOM 493 C C2     . DA B 2 4  ? -4.608  8.538   0.793   1.00 0.00 ? 4  DA B C2     1 
ATOM 494 N N3     . DA B 2 4  ? -3.756  9.208   0.013   1.00 0.00 ? 4  DA B N3     1 
ATOM 495 C C4     . DA B 2 4  ? -4.091  9.095   -1.305  1.00 0.00 ? 4  DA B C4     1 
ATOM 496 H "H5'"  . DA B 2 4  ? -2.731  14.030  -4.640  1.00 0.00 ? 4  DA B "H5'"  1 
ATOM 497 H "H5''" . DA B 2 4  ? -0.989  14.169  -4.891  1.00 0.00 ? 4  DA B "H5''" 1 
ATOM 498 H "H4'"  . DA B 2 4  ? -1.583  13.479  -2.587  1.00 0.00 ? 4  DA B "H4'"  1 
ATOM 499 H "H3'"  . DA B 2 4  ? 0.321   11.987  -4.044  1.00 0.00 ? 4  DA B "H3'"  1 
ATOM 500 H "H2'"  . DA B 2 4  ? -1.248  10.117  -4.277  1.00 0.00 ? 4  DA B "H2'"  1 
ATOM 501 H "H2''" . DA B 2 4  ? -0.451  9.655   -2.768  1.00 0.00 ? 4  DA B "H2''" 1 
ATOM 502 H "H1'"  . DA B 2 4  ? -2.191  10.729  -1.420  1.00 0.00 ? 4  DA B "H1'"  1 
ATOM 503 H H8     . DA B 2 4  ? -3.941  9.601   -4.393  1.00 0.00 ? 4  DA B H8     1 
ATOM 504 H H61    . DA B 2 4  ? -7.576  6.490   -0.530  1.00 0.00 ? 4  DA B H61    1 
ATOM 505 H H62    . DA B 2 4  ? -7.305  6.952   -2.196  1.00 0.00 ? 4  DA B H62    1 
ATOM 506 H H2     . DA B 2 4  ? -4.420  8.549   1.854   1.00 0.00 ? 4  DA B H2     1 
ATOM 507 P P      . DA B 2 5  ? 1.653   11.462  -1.624  1.00 0.00 ? 5  DA B P      1 
ATOM 508 O OP1    . DA B 2 5  ? 2.582   12.584  -1.357  1.00 0.00 ? 5  DA B OP1    1 
ATOM 509 O OP2    . DA B 2 5  ? 2.031   10.423  -2.606  1.00 0.00 ? 5  DA B OP2    1 
ATOM 510 O "O5'"  . DA B 2 5  ? 1.331   10.742  -0.216  1.00 0.00 ? 5  DA B "O5'"  1 
ATOM 511 C "C5'"  . DA B 2 5  ? 0.763   11.478  0.852   1.00 0.00 ? 5  DA B "C5'"  1 
ATOM 512 C "C4'"  . DA B 2 5  ? 0.421   10.561  2.045   1.00 0.00 ? 5  DA B "C4'"  1 
ATOM 513 O "O4'"  . DA B 2 5  ? -0.562  9.613   1.647   1.00 0.00 ? 5  DA B "O4'"  1 
ATOM 514 C "C3'"  . DA B 2 5  ? 1.586   9.772   2.668   1.00 0.00 ? 5  DA B "C3'"  1 
ATOM 515 O "O3'"  . DA B 2 5  ? 1.343   9.728   4.067   1.00 0.00 ? 5  DA B "O3'"  1 
ATOM 516 C "C2'"  . DA B 2 5  ? 1.414   8.377   2.035   1.00 0.00 ? 5  DA B "C2'"  1 
ATOM 517 C "C1'"  . DA B 2 5  ? -0.125  8.304   1.969   1.00 0.00 ? 5  DA B "C1'"  1 
ATOM 518 N N9     . DA B 2 5  ? -0.869  7.299   1.176   1.00 0.00 ? 5  DA B N9     1 
ATOM 519 C C8     . DA B 2 5  ? -0.920  7.213   -0.169  1.00 0.00 ? 5  DA B C8     1 
ATOM 520 N N7     . DA B 2 5  ? -1.831  6.437   -0.679  1.00 0.00 ? 5  DA B N7     1 
ATOM 521 C C5     . DA B 2 5  ? -2.480  5.967   0.452   1.00 0.00 ? 5  DA B C5     1 
ATOM 522 C C6     . DA B 2 5  ? -3.600  5.129   0.630   1.00 0.00 ? 5  DA B C6     1 
ATOM 523 N N6     . DA B 2 5  ? -4.269  4.600   -0.401  1.00 0.00 ? 5  DA B N6     1 
ATOM 524 N N1     . DA B 2 5  ? -4.047  4.913   1.883   1.00 0.00 ? 5  DA B N1     1 
ATOM 525 C C2     . DA B 2 5  ? -3.421  5.522   2.889   1.00 0.00 ? 5  DA B C2     1 
ATOM 526 N N3     . DA B 2 5  ? -2.370  6.332   2.858   1.00 0.00 ? 5  DA B N3     1 
ATOM 527 C C4     . DA B 2 5  ? -1.924  6.511   1.587   1.00 0.00 ? 5  DA B C4     1 
ATOM 528 H "H5'"  . DA B 2 5  ? -0.187  11.894  0.504   1.00 0.00 ? 5  DA B "H5'"  1 
ATOM 529 H "H5''" . DA B 2 5  ? 1.425   12.321  1.114   1.00 0.00 ? 5  DA B "H5''" 1 
ATOM 530 H "H4'"  . DA B 2 5  ? -0.029  11.186  2.817   1.00 0.00 ? 5  DA B "H4'"  1 
ATOM 531 H "H3'"  . DA B 2 5  ? 2.563   10.251  2.512   1.00 0.00 ? 5  DA B "H3'"  1 
ATOM 532 H "H2'"  . DA B 2 5  ? 1.840   8.360   1.031   1.00 0.00 ? 5  DA B "H2'"  1 
ATOM 533 H "H2''" . DA B 2 5  ? 1.890   7.629   2.684   1.00 0.00 ? 5  DA B "H2''" 1 
ATOM 534 H "H1'"  . DA B 2 5  ? -0.429  8.011   2.933   1.00 0.00 ? 5  DA B "H1'"  1 
ATOM 535 H H8     . DA B 2 5  ? -0.231  7.798   -0.689  1.00 0.00 ? 5  DA B H8     1 
ATOM 536 H H61    . DA B 2 5  ? -5.072  4.006   -0.233  1.00 0.00 ? 5  DA B H61    1 
ATOM 537 H H62    . DA B 2 5  ? -3.952  4.769   -1.344  1.00 0.00 ? 5  DA B H62    1 
ATOM 538 H H2     . DA B 2 5  ? -3.829  5.375   3.868   1.00 0.00 ? 5  DA B H2     1 
ATOM 539 P P      . DT B 2 6  ? 2.366   9.061   5.130   1.00 0.00 ? 6  DT B P      1 
ATOM 540 O OP1    . DT B 2 6  ? 2.502   9.985   6.275   1.00 0.00 ? 6  DT B OP1    1 
ATOM 541 O OP2    . DT B 2 6  ? 3.580   8.617   4.406   1.00 0.00 ? 6  DT B OP2    1 
ATOM 542 O "O5'"  . DT B 2 6  ? 1.567   7.743   5.627   1.00 0.00 ? 6  DT B "O5'"  1 
ATOM 543 C "C5'"  . DT B 2 6  ? 0.386   7.838   6.409   1.00 0.00 ? 6  DT B "C5'"  1 
ATOM 544 C "C4'"  . DT B 2 6  ? -0.136  6.403   6.721   1.00 0.00 ? 6  DT B "C4'"  1 
ATOM 545 O "O4'"  . DT B 2 6  ? -0.514  5.729   5.529   1.00 0.00 ? 6  DT B "O4'"  1 
ATOM 546 C "C3'"  . DT B 2 6  ? 0.860   5.492   7.452   1.00 0.00 ? 6  DT B "C3'"  1 
ATOM 547 O "O3'"  . DT B 2 6  ? 0.205   4.930   8.589   1.00 0.00 ? 6  DT B "O3'"  1 
ATOM 548 C "C2'"  . DT B 2 6  ? 1.177   4.436   6.404   1.00 0.00 ? 6  DT B "C2'"  1 
ATOM 549 C "C1'"  . DT B 2 6  ? -0.164  4.356   5.627   1.00 0.00 ? 6  DT B "C1'"  1 
ATOM 550 N N1     . DT B 2 6  ? -0.239  3.760   4.250   1.00 0.00 ? 6  DT B N1     1 
ATOM 551 C C2     . DT B 2 6  ? -1.222  2.791   3.991   1.00 0.00 ? 6  DT B C2     1 
ATOM 552 O O2     . DT B 2 6  ? -1.880  2.228   4.866   1.00 0.00 ? 6  DT B O2     1 
ATOM 553 N N3     . DT B 2 6  ? -1.446  2.466   2.662   1.00 0.00 ? 6  DT B N3     1 
ATOM 554 C C4     . DT B 2 6  ? -0.823  3.051   1.570   1.00 0.00 ? 6  DT B C4     1 
ATOM 555 O O4     . DT B 2 6  ? -1.150  2.723   0.434   1.00 0.00 ? 6  DT B O4     1 
ATOM 556 C C5     . DT B 2 6  ? 0.192   4.038   1.892   1.00 0.00 ? 6  DT B C5     1 
ATOM 557 C C7     . DT B 2 6  ? 0.943   4.659   0.699   1.00 0.00 ? 6  DT B C7     1 
ATOM 558 C C6     . DT B 2 6  ? 0.442   4.349   3.208   1.00 0.00 ? 6  DT B C6     1 
ATOM 559 H "H5'"  . DT B 2 6  ? -0.380  8.343   5.818   1.00 0.00 ? 6  DT B "H5'"  1 
ATOM 560 H "H5''" . DT B 2 6  ? 0.598   8.481   7.290   1.00 0.00 ? 6  DT B "H5''" 1 
ATOM 561 H "H4'"  . DT B 2 6  ? -1.061  6.401   7.294   1.00 0.00 ? 6  DT B "H4'"  1 
ATOM 562 H "H3'"  . DT B 2 6  ? 1.772   6.044   7.701   1.00 0.00 ? 6  DT B "H3'"  1 
ATOM 563 H "H2'"  . DT B 2 6  ? 2.063   4.843   5.915   1.00 0.00 ? 6  DT B "H2'"  1 
ATOM 564 H "H2''" . DT B 2 6  ? 1.470   3.519   6.887   1.00 0.00 ? 6  DT B "H2''" 1 
ATOM 565 H "H1'"  . DT B 2 6  ? -0.879  3.797   6.247   1.00 0.00 ? 6  DT B "H1'"  1 
ATOM 566 H H3     . DT B 2 6  ? -2.126  1.735   2.472   1.00 0.00 ? 6  DT B H3     1 
ATOM 567 H H71    . DT B 2 6  ? 0.294   4.748   -0.171  1.00 0.00 ? 6  DT B H71    1 
ATOM 568 H H72    . DT B 2 6  ? 1.332   5.641   0.968   1.00 0.00 ? 6  DT B H72    1 
ATOM 569 H H73    . DT B 2 6  ? 1.782   4.012   0.439   1.00 0.00 ? 6  DT B H73    1 
ATOM 570 H H6     . DT B 2 6  ? 1.157   5.076   3.562   1.00 0.00 ? 6  DT B H6     1 
ATOM 571 P P      . DT B 2 7  ? 0.915   3.904   9.629   1.00 0.00 ? 7  DT B P      1 
ATOM 572 O OP1    . DT B 2 7  ? 0.434   4.220   10.993  1.00 0.00 ? 7  DT B OP1    1 
ATOM 573 O OP2    . DT B 2 7  ? 2.369   3.885   9.354   1.00 0.00 ? 7  DT B OP2    1 
ATOM 574 O "O5'"  . DT B 2 7  ? 0.297   2.460   9.193   1.00 0.00 ? 7  DT B "O5'"  1 
ATOM 575 C "C5'"  . DT B 2 7  ? -1.063  2.119   9.443   1.00 0.00 ? 7  DT B "C5'"  1 
ATOM 576 C "C4'"  . DT B 2 7  ? -1.391  0.685   8.914   1.00 0.00 ? 7  DT B "C4'"  1 
ATOM 577 O "O4'"  . DT B 2 7  ? -1.330  0.613   7.491   1.00 0.00 ? 7  DT B "O4'"  1 
ATOM 578 C "C3'"  . DT B 2 7  ? -0.502  -0.446  9.457   1.00 0.00 ? 7  DT B "C3'"  1 
ATOM 579 O "O3'"  . DT B 2 7  ? -1.335  -1.516  9.900   1.00 0.00 ? 7  DT B "O3'"  1 
ATOM 580 C "C2'"  . DT B 2 7  ? 0.266   -0.844  8.200   1.00 0.00 ? 7  DT B "C2'"  1 
ATOM 581 C "C1'"  . DT B 2 7  ? -0.801  -0.651  7.105   1.00 0.00 ? 7  DT B "C1'"  1 
ATOM 582 N N1     . DT B 2 7  ? -0.306  -0.574  5.695   1.00 0.00 ? 7  DT B N1     1 
ATOM 583 C C2     . DT B 2 7  ? -0.948  -1.317  4.699   1.00 0.00 ? 7  DT B C2     1 
ATOM 584 O O2     . DT B 2 7  ? -1.843  -2.128  4.927   1.00 0.00 ? 7  DT B O2     1 
ATOM 585 N N3     . DT B 2 7  ? -0.524  -1.094  3.396   1.00 0.00 ? 7  DT B N3     1 
ATOM 586 C C4     . DT B 2 7  ? 0.428   -0.171  2.992   1.00 0.00 ? 7  DT B C4     1 
ATOM 587 O O4     . DT B 2 7  ? 0.663   -0.018  1.796   1.00 0.00 ? 7  DT B O4     1 
ATOM 588 C C5     . DT B 2 7  ? 1.061   0.567   4.069   1.00 0.00 ? 7  DT B C5     1 
ATOM 589 C C7     . DT B 2 7  ? 2.143   1.587   3.671   1.00 0.00 ? 7  DT B C7     1 
ATOM 590 C C6     . DT B 2 7  ? 0.667   0.337   5.365   1.00 0.00 ? 7  DT B C6     1 
ATOM 591 H "H5'"  . DT B 2 7  ? -1.694  2.819   8.895   1.00 0.00 ? 7  DT B "H5'"  1 
ATOM 592 H "H5''" . DT B 2 7  ? -1.256  2.285   10.523  1.00 0.00 ? 7  DT B "H5''" 1 
ATOM 593 H "H4'"  . DT B 2 7  ? -2.421  0.400   9.115   1.00 0.00 ? 7  DT B "H4'"  1 
ATOM 594 H "H3'"  . DT B 2 7  ? 0.155   -0.098  10.263  1.00 0.00 ? 7  DT B "H3'"  1 
ATOM 595 H "H2'"  . DT B 2 7  ? 1.098   -0.150  8.098   1.00 0.00 ? 7  DT B "H2'"  1 
ATOM 596 H "H2''" . DT B 2 7  ? 0.665   -1.845  8.296   1.00 0.00 ? 7  DT B "H2''" 1 
ATOM 597 H "H1'"  . DT B 2 7  ? -1.561  -1.445  7.175   1.00 0.00 ? 7  DT B "H1'"  1 
ATOM 598 H H3     . DT B 2 7  ? -0.974  -1.633  2.665   1.00 0.00 ? 7  DT B H3     1 
ATOM 599 H H71    . DT B 2 7  ? 3.104   1.074   3.618   1.00 0.00 ? 7  DT B H71    1 
ATOM 600 H H72    . DT B 2 7  ? 1.930   2.025   2.698   1.00 0.00 ? 7  DT B H72    1 
ATOM 601 H H73    . DT B 2 7  ? 2.210   2.376   4.420   1.00 0.00 ? 7  DT B H73    1 
ATOM 602 H H6     . DT B 2 7  ? 1.027   0.842   6.247   1.00 0.00 ? 7  DT B H6     1 
ATOM 603 P P      . DC B 2 8  ? -0.757  -2.888  10.548  1.00 0.00 ? 8  DC B P      1 
ATOM 604 O OP1    . DC B 2 8  ? -1.601  -3.232  11.714  1.00 0.00 ? 8  DC B OP1    1 
ATOM 605 O OP2    . DC B 2 8  ? 0.697   -2.721  10.760  1.00 0.00 ? 8  DC B OP2    1 
ATOM 606 O "O5'"  . DC B 2 8  ? -0.982  -4.013  9.396   1.00 0.00 ? 8  DC B "O5'"  1 
ATOM 607 C "C5'"  . DC B 2 8  ? -2.280  -4.500  9.084   1.00 0.00 ? 8  DC B "C5'"  1 
ATOM 608 C "C4'"  . DC B 2 8  ? -2.250  -5.530  7.909   1.00 0.00 ? 8  DC B "C4'"  1 
ATOM 609 O "O4'"  . DC B 2 8  ? -1.818  -4.913  6.701   1.00 0.00 ? 8  DC B "O4'"  1 
ATOM 610 C "C3'"  . DC B 2 8  ? -1.373  -6.784  8.093   1.00 0.00 ? 8  DC B "C3'"  1 
ATOM 611 O "O3'"  . DC B 2 8  ? -2.135  -7.951  7.824   1.00 0.00 ? 8  DC B "O3'"  1 
ATOM 612 C "C2'"  . DC B 2 8  ? -0.299  -6.593  7.027   1.00 0.00 ? 8  DC B "C2'"  1 
ATOM 613 C "C1'"  . DC B 2 8  ? -1.079  -5.856  5.932   1.00 0.00 ? 8  DC B "C1'"  1 
ATOM 614 N N1     . DC B 2 8  ? -0.176  -5.159  4.977   1.00 0.00 ? 8  DC B N1     1 
ATOM 615 C C2     . DC B 2 8  ? -0.214  -5.458  3.612   1.00 0.00 ? 8  DC B C2     1 
ATOM 616 O O2     . DC B 2 8  ? -0.970  -6.312  3.157   1.00 0.00 ? 8  DC B O2     1 
ATOM 617 N N3     . DC B 2 8  ? 0.618   -4.764  2.780   1.00 0.00 ? 8  DC B N3     1 
ATOM 618 C C4     . DC B 2 8  ? 1.409   -3.781  3.237   1.00 0.00 ? 8  DC B C4     1 
ATOM 619 N N4     . DC B 2 8  ? 2.219   -3.146  2.384   1.00 0.00 ? 8  DC B N4     1 
ATOM 620 C C5     . DC B 2 8  ? 1.418   -3.418  4.625   1.00 0.00 ? 8  DC B C5     1 
ATOM 621 C C6     . DC B 2 8  ? 0.623   -4.151  5.439   1.00 0.00 ? 8  DC B C6     1 
ATOM 622 H "H5'"  . DC B 2 8  ? -2.873  -3.649  8.743   1.00 0.00 ? 8  DC B "H5'"  1 
ATOM 623 H "H5''" . DC B 2 8  ? -2.738  -4.865  10.027  1.00 0.00 ? 8  DC B "H5''" 1 
ATOM 624 H "H4'"  . DC B 2 8  ? -3.255  -5.874  7.674   1.00 0.00 ? 8  DC B "H4'"  1 
ATOM 625 H "H3'"  . DC B 2 8  ? -0.945  -6.825  9.097   1.00 0.00 ? 8  DC B "H3'"  1 
ATOM 626 H "H2'"  . DC B 2 8  ? 0.464   -5.976  7.500   1.00 0.00 ? 8  DC B "H2'"  1 
ATOM 627 H "H2''" . DC B 2 8  ? 0.155   -7.511  6.661   1.00 0.00 ? 8  DC B "H2''" 1 
ATOM 628 H "H1'"  . DC B 2 8  ? -1.754  -6.539  5.396   1.00 0.00 ? 8  DC B "H1'"  1 
ATOM 629 H H41    . DC B 2 8  ? 2.249   -3.446  1.417   1.00 0.00 ? 8  DC B H41    1 
ATOM 630 H H42    . DC B 2 8  ? 2.880   -2.466  2.726   1.00 0.00 ? 8  DC B H42    1 
ATOM 631 H H5     . DC B 2 8  ? 1.963   -2.569  5.020   1.00 0.00 ? 8  DC B H5     1 
ATOM 632 H H6     . DC B 2 8  ? 0.597   -3.972  6.493   1.00 0.00 ? 8  DC B H6     1 
ATOM 633 P P      . DG B 2 9  ? -1.517  -9.446  7.927   1.00 0.00 ? 9  DG B P      1 
ATOM 634 O OP1    . DG B 2 9  ? -2.613  -10.356 8.321   1.00 0.00 ? 9  DG B OP1    1 
ATOM 635 O OP2    . DG B 2 9  ? -0.291  -9.395  8.758   1.00 0.00 ? 9  DG B OP2    1 
ATOM 636 O "O5'"  . DG B 2 9  ? -1.080  -9.788  6.397   1.00 0.00 ? 9  DG B "O5'"  1 
ATOM 637 C "C5'"  . DG B 2 9  ? -2.040  -9.903  5.356   1.00 0.00 ? 9  DG B "C5'"  1 
ATOM 638 C "C4'"  . DG B 2 9  ? -1.459  -10.516 4.053   1.00 0.00 ? 9  DG B "C4'"  1 
ATOM 639 O "O4'"  . DG B 2 9  ? -0.711  -9.584  3.249   1.00 0.00 ? 9  DG B "O4'"  1 
ATOM 640 C "C3'"  . DG B 2 9  ? -0.500  -11.688 4.320   1.00 0.00 ? 9  DG B "C3'"  1 
ATOM 641 O "O3'"  . DG B 2 9  ? -0.685  -12.707 3.344   1.00 0.00 ? 9  DG B "O3'"  1 
ATOM 642 C "C2'"  . DG B 2 9  ? 0.853   -11.005 4.116   1.00 0.00 ? 9  DG B "C2'"  1 
ATOM 643 C "C1'"  . DG B 2 9  ? 0.542   -10.169 2.877   1.00 0.00 ? 9  DG B "C1'"  1 
ATOM 644 N N9     . DG B 2 9  ? 1.609   -9.211  2.499   1.00 0.00 ? 9  DG B N9     1 
ATOM 645 C C8     . DG B 2 9  ? 2.091   -8.150  3.204   1.00 0.00 ? 9  DG B C8     1 
ATOM 646 N N7     . DG B 2 9  ? 3.110   -7.543  2.666   1.00 0.00 ? 9  DG B N7     1 
ATOM 647 C C5     . DG B 2 9  ? 3.343   -8.270  1.504   1.00 0.00 ? 9  DG B C5     1 
ATOM 648 C C6     . DG B 2 9  ? 4.393   -8.155  0.541   1.00 0.00 ? 9  DG B C6     1 
ATOM 649 O O6     . DG B 2 9  ? 5.348   -7.382  0.546   1.00 0.00 ? 9  DG B O6     1 
ATOM 650 N N1     . DG B 2 9  ? 4.271   -9.082  -0.490  1.00 0.00 ? 9  DG B N1     1 
ATOM 651 C C2     . DG B 2 9  ? 3.271   -10.033 -0.570  1.00 0.00 ? 9  DG B C2     1 
ATOM 652 N N2     . DG B 2 9  ? 3.285   -10.847 -1.629  1.00 0.00 ? 9  DG B N2     1 
ATOM 653 N N3     . DG B 2 9  ? 2.318   -10.177 0.362   1.00 0.00 ? 9  DG B N3     1 
ATOM 654 C C4     . DG B 2 9  ? 2.409   -9.273  1.376   1.00 0.00 ? 9  DG B C4     1 
ATOM 655 H "H5'"  . DG B 2 9  ? -2.448  -8.919  5.124   1.00 0.00 ? 9  DG B "H5'"  1 
ATOM 656 H "H5''" . DG B 2 9  ? -2.873  -10.513 5.738   1.00 0.00 ? 9  DG B "H5''" 1 
ATOM 657 H "H4'"  . DG B 2 9  ? -2.337  -10.865 3.498   1.00 0.00 ? 9  DG B "H4'"  1 
ATOM 658 H "H3'"  . DG B 2 9  ? -0.635  -12.103 5.321   1.00 0.00 ? 9  DG B "H3'"  1 
ATOM 659 H "H2'"  . DG B 2 9  ? 1.074   -10.351 4.960   1.00 0.00 ? 9  DG B "H2'"  1 
ATOM 660 H "H2''" . DG B 2 9  ? 1.658   -11.718 3.989   1.00 0.00 ? 9  DG B "H2''" 1 
ATOM 661 H "H1'"  . DG B 2 9  ? 0.482   -10.808 1.997   1.00 0.00 ? 9  DG B "H1'"  1 
ATOM 662 H H8     . DG B 2 9  ? 1.661   -7.891  4.143   1.00 0.00 ? 9  DG B H8     1 
ATOM 663 H H1     . DG B 2 9  ? 4.969   -9.038  -1.223  1.00 0.00 ? 9  DG B H1     1 
ATOM 664 H H21    . DG B 2 9  ? 3.971   -10.721 -2.360  1.00 0.00 ? 9  DG B H21    1 
ATOM 665 H H22    . DG B 2 9  ? 2.568   -11.553 -1.726  1.00 0.00 ? 9  DG B H22    1 
ATOM 666 P P      . DT B 2 10 ? 0.100   -14.122 3.424   1.00 0.00 ? 10 DT B P      1 
ATOM 667 O OP1    . DT B 2 10 ? -0.868  -15.189 3.068   1.00 0.00 ? 10 DT B OP1    1 
ATOM 668 O OP2    . DT B 2 10 ? 0.795   -14.194 4.722   1.00 0.00 ? 10 DT B OP2    1 
ATOM 669 O "O5'"  . DT B 2 10 ? 1.245   -14.096 2.271   1.00 0.00 ? 10 DT B "O5'"  1 
ATOM 670 C "C5'"  . DT B 2 10 ? 0.952   -14.310 0.899   1.00 0.00 ? 10 DT B "C5'"  1 
ATOM 671 C "C4'"  . DT B 2 10 ? 2.280   -14.492 0.097   1.00 0.00 ? 10 DT B "C4'"  1 
ATOM 672 O "O4'"  . DT B 2 10 ? 3.057   -13.302 0.121   1.00 0.00 ? 10 DT B "O4'"  1 
ATOM 673 C "C3'"  . DT B 2 10 ? 3.219   -15.610 0.581   1.00 0.00 ? 10 DT B "C3'"  1 
ATOM 674 O "O3'"  . DT B 2 10 ? 3.542   -16.479 -0.506  1.00 0.00 ? 10 DT B "O3'"  1 
ATOM 675 C "C2'"  . DT B 2 10 ? 4.459   -14.872 1.062   1.00 0.00 ? 10 DT B "C2'"  1 
ATOM 676 C "C1'"  . DT B 2 10 ? 4.441   -13.633 0.156   1.00 0.00 ? 10 DT B "C1'"  1 
ATOM 677 N N1     . DT B 2 10 ? 5.246   -12.485 0.670   1.00 0.00 ? 10 DT B N1     1 
ATOM 678 C C2     . DT B 2 10 ? 6.427   -12.153 0.002   1.00 0.00 ? 10 DT B C2     1 
ATOM 679 O O2     . DT B 2 10 ? 6.813   -12.714 -1.022  1.00 0.00 ? 10 DT B O2     1 
ATOM 680 N N3     . DT B 2 10 ? 7.167   -11.121 0.550   1.00 0.00 ? 10 DT B N3     1 
ATOM 681 C C4     . DT B 2 10 ? 6.837   -10.378 1.672   1.00 0.00 ? 10 DT B C4     1 
ATOM 682 O O4     . DT B 2 10 ? 7.595   -9.488  2.051   1.00 0.00 ? 10 DT B O4     1 
ATOM 683 C C5     . DT B 2 10 ? 5.564   -10.727 2.284   1.00 0.00 ? 10 DT B C5     1 
ATOM 684 C C7     . DT B 2 10 ? 5.181   -9.944  3.551   1.00 0.00 ? 10 DT B C7     1 
ATOM 685 C C6     . DT B 2 10 ? 4.809   -11.749 1.754   1.00 0.00 ? 10 DT B C6     1 
ATOM 686 H "H5'"  . DT B 2 10 ? 0.448   -13.420 0.519   1.00 0.00 ? 10 DT B "H5'"  1 
ATOM 687 H "H5''" . DT B 2 10 ? 0.228   -15.149 0.815   1.00 0.00 ? 10 DT B "H5''" 1 
ATOM 688 H "H4'"  . DT B 2 10 ? 2.096   -14.652 -0.963  1.00 0.00 ? 10 DT B "H4'"  1 
ATOM 689 H "H3'"  . DT B 2 10 ? 2.774   -16.134 1.421   1.00 0.00 ? 10 DT B "H3'"  1 
ATOM 690 H "H2'"  . DT B 2 10 ? 4.293   -14.582 2.102   1.00 0.00 ? 10 DT B "H2'"  1 
ATOM 691 H "H2''" . DT B 2 10 ? 5.321   -15.545 0.972   1.00 0.00 ? 10 DT B "H2''" 1 
ATOM 692 H "H1'"  . DT B 2 10 ? 4.801   -13.904 -0.841  1.00 0.00 ? 10 DT B "H1'"  1 
ATOM 693 H H3     . DT B 2 10 ? 8.027   -10.881 0.075   1.00 0.00 ? 10 DT B H3     1 
ATOM 694 H H71    . DT B 2 10 ? 4.133   -10.113 3.796   1.00 0.00 ? 10 DT B H71    1 
ATOM 695 H H72    . DT B 2 10 ? 5.794   -10.294 4.381   1.00 0.00 ? 10 DT B H72    1 
ATOM 696 H H73    . DT B 2 10 ? 5.357   -8.877  3.411   1.00 0.00 ? 10 DT B H73    1 
ATOM 697 H H6     . DT B 2 10 ? 3.805   -12.030 2.074   1.00 0.00 ? 10 DT B H6     1 
ATOM 698 P P      . DG B 2 11 ? 4.534   -17.767 -0.372  1.00 0.00 ? 11 DG B P      1 
ATOM 699 O OP1    . DG B 2 11 ? 4.000   -18.866 -1.199  1.00 0.00 ? 11 DG B OP1    1 
ATOM 700 O OP2    . DG B 2 11 ? 4.791   -18.005 1.070   1.00 0.00 ? 11 DG B OP2    1 
ATOM 701 O "O5'"  . DG B 2 11 ? 5.908   -17.230 -1.069  1.00 0.00 ? 11 DG B "O5'"  1 
ATOM 702 C "C5'"  . DG B 2 11 ? 5.911   -16.821 -2.431  1.00 0.00 ? 11 DG B "C5'"  1 
ATOM 703 C "C4'"  . DG B 2 11 ? 7.309   -16.538 -3.039  1.00 0.00 ? 11 DG B "C4'"  1 
ATOM 704 O "O4'"  . DG B 2 11 ? 7.913   -15.333 -2.541  1.00 0.00 ? 11 DG B "O4'"  1 
ATOM 705 C "C3'"  . DG B 2 11 ? 8.349   -17.655 -2.842  1.00 0.00 ? 11 DG B "C3'"  1 
ATOM 706 O "O3'"  . DG B 2 11 ? 9.037   -17.867 -4.071  1.00 0.00 ? 11 DG B "O3'"  1 
ATOM 707 C "C2'"  . DG B 2 11 ? 9.273   -17.042 -1.786  1.00 0.00 ? 11 DG B "C2'"  1 
ATOM 708 C "C1'"  . DG B 2 11 ? 9.286   -15.565 -2.213  1.00 0.00 ? 11 DG B "C1'"  1 
ATOM 709 N N9     . DG B 2 11 ? 9.833   -14.551 -1.265  1.00 0.00 ? 11 DG B N9     1 
ATOM 710 C C8     . DG B 2 11 ? 9.385   -14.178 -0.023  1.00 0.00 ? 11 DG B C8     1 
ATOM 711 N N7     . DG B 2 11 ? 10.072  -13.244 0.562   1.00 0.00 ? 11 DG B N7     1 
ATOM 712 C C5     . DG B 2 11 ? 11.040  -12.930 -0.372  1.00 0.00 ? 11 DG B C5     1 
ATOM 713 C C6     . DG B 2 11 ? 12.071  -11.954 -0.293  1.00 0.00 ? 11 DG B C6     1 
ATOM 714 O O6     . DG B 2 11 ? 12.351  -11.242 0.669   1.00 0.00 ? 11 DG B O6     1 
ATOM 715 N N1     . DG B 2 11 ? 12.798  -11.852 -1.474  1.00 0.00 ? 11 DG B N1     1 
ATOM 716 C C2     . DG B 2 11 ? 12.563  -12.618 -2.601  1.00 0.00 ? 11 DG B C2     1 
ATOM 717 N N2     . DG B 2 11 ? 13.353  -12.386 -3.655  1.00 0.00 ? 11 DG B N2     1 
ATOM 718 N N3     . DG B 2 11 ? 11.602  -13.556 -2.667  1.00 0.00 ? 11 DG B N3     1 
ATOM 719 C C4     . DG B 2 11 ? 10.873  -13.673 -1.519  1.00 0.00 ? 11 DG B C4     1 
ATOM 720 H "H5'"  . DG B 2 11 ? 5.318   -15.909 -2.521  1.00 0.00 ? 11 DG B "H5'"  1 
ATOM 721 H "H5''" . DG B 2 11 ? 5.400   -17.599 -3.016  1.00 0.00 ? 11 DG B "H5''" 1 
ATOM 722 H "H4'"  . DG B 2 11 ? 7.101   -16.422 -4.107  1.00 0.00 ? 11 DG B "H4'"  1 
ATOM 723 H "H3'"  . DG B 2 11 ? 7.881   -18.583 -2.499  1.00 0.00 ? 11 DG B "H3'"  1 
ATOM 724 H "H2'"  . DG B 2 11 ? 8.818   -17.221 -0.817  1.00 0.00 ? 11 DG B "H2'"  1 
ATOM 725 H "H2''" . DG B 2 11 ? 10.250  -17.506 -1.785  1.00 0.00 ? 11 DG B "H2''" 1 
ATOM 726 H "H1'"  . DG B 2 11 ? 9.965   -15.468 -3.065  1.00 0.00 ? 11 DG B "H1'"  1 
ATOM 727 H H8     . DG B 2 11 ? 8.532   -14.585 0.457   1.00 0.00 ? 11 DG B H8     1 
ATOM 728 H H1     . DG B 2 11 ? 13.559  -11.184 -1.478  1.00 0.00 ? 11 DG B H1     1 
ATOM 729 H H21    . DG B 2 11 ? 14.063  -11.666 -3.605  1.00 0.00 ? 11 DG B H21    1 
ATOM 730 H H22    . DG B 2 11 ? 13.241  -12.931 -4.497  1.00 0.00 ? 11 DG B H22    1 
ATOM 731 P P      . DC B 2 12 ? 10.197  -18.990 -4.253  1.00 0.00 ? 12 DC B P      1 
ATOM 732 O OP1    . DC B 2 12 ? 9.990   -19.656 -5.556  1.00 0.00 ? 12 DC B OP1    1 
ATOM 733 O OP2    . DC B 2 12 ? 10.245  -19.813 -3.025  1.00 0.00 ? 12 DC B OP2    1 
ATOM 734 O "O5'"  . DC B 2 12 ? 11.573  -18.124 -4.336  1.00 0.00 ? 12 DC B "O5'"  1 
ATOM 735 C "C5'"  . DC B 2 12 ? 11.841  -17.270 -5.438  1.00 0.00 ? 12 DC B "C5'"  1 
ATOM 736 C "C4'"  . DC B 2 12 ? 13.276  -16.677 -5.401  1.00 0.00 ? 12 DC B "C4'"  1 
ATOM 737 O "O4'"  . DC B 2 12 ? 13.432  -15.725 -4.350  1.00 0.00 ? 12 DC B "O4'"  1 
ATOM 738 C "C3'"  . DC B 2 12 ? 14.413  -17.701 -5.234  1.00 0.00 ? 12 DC B "C3'"  1 
ATOM 739 O "O3'"  . DC B 2 12 ? 15.375  -17.550 -6.257  1.00 0.00 ? 12 DC B "O3'"  1 
ATOM 740 C "C2'"  . DC B 2 12 ? 15.044  -17.329 -3.893  1.00 0.00 ? 12 DC B "C2'"  1 
ATOM 741 C "C1'"  . DC B 2 12 ? 14.730  -15.833 -3.771  1.00 0.00 ? 12 DC B "C1'"  1 
ATOM 742 N N1     . DC B 2 12 ? 14.713  -15.343 -2.361  1.00 0.00 ? 12 DC B N1     1 
ATOM 743 C C2     . DC B 2 12 ? 15.602  -14.346 -1.939  1.00 0.00 ? 12 DC B C2     1 
ATOM 744 O O2     . DC B 2 12 ? 16.514  -13.942 -2.656  1.00 0.00 ? 12 DC B O2     1 
ATOM 745 N N3     . DC B 2 12 ? 15.437  -13.818 -0.690  1.00 0.00 ? 12 DC B N3     1 
ATOM 746 C C4     . DC B 2 12 ? 14.435  -14.211 0.112   1.00 0.00 ? 12 DC B C4     1 
ATOM 747 N N4     . DC B 2 12 ? 14.328  -13.654 1.325   1.00 0.00 ? 12 DC B N4     1 
ATOM 748 C C5     . DC B 2 12 ? 13.500  -15.217 -0.307  1.00 0.00 ? 12 DC B C5     1 
ATOM 749 C C6     . DC B 2 12 ? 13.705  -15.756 -1.533  1.00 0.00 ? 12 DC B C6     1 
ATOM 750 H "H5'"  . DC B 2 12 ? 11.134  -16.440 -5.415  1.00 0.00 ? 12 DC B "H5'"  1 
ATOM 751 H "H5''" . DC B 2 12 ? 11.651  -17.835 -6.364  1.00 0.00 ? 12 DC B "H5''" 1 
ATOM 752 H "H4'"  . DC B 2 12 ? 13.426  -16.141 -6.339  1.00 0.00 ? 12 DC B "H4'"  1 
ATOM 753 H "H3'"  . DC B 2 12 ? 14.046  -18.728 -5.229  1.00 0.00 ? 12 DC B "H3'"  1 
ATOM 754 H "HO3'" . DC B 2 12 ? 14.963  -17.773 -7.094  1.00 0.00 ? 12 DC B "HO3'" 1 
ATOM 755 H "H2'"  . DC B 2 12 ? 14.604  -17.983 -3.146  1.00 0.00 ? 12 DC B "H2'"  1 
ATOM 756 H "H2''" . DC B 2 12 ? 16.110  -17.474 -3.834  1.00 0.00 ? 12 DC B "H2''" 1 
ATOM 757 H "H1'"  . DC B 2 12 ? 15.474  -15.261 -4.345  1.00 0.00 ? 12 DC B "H1'"  1 
ATOM 758 H H41    . DC B 2 12 ? 15.039  -13.011 1.647   1.00 0.00 ? 12 DC B H41    1 
ATOM 759 H H42    . DC B 2 12 ? 13.551  -13.887 1.926   1.00 0.00 ? 12 DC B H42    1 
ATOM 760 H H5     . DC B 2 12 ? 12.637  -15.518 0.277   1.00 0.00 ? 12 DC B H5     1 
ATOM 761 H H6     . DC B 2 12 ? 13.080  -16.538 -1.908  1.00 0.00 ? 12 DC B H6     1 
# 
